data_7N79
#
_entry.id   7N79
#
_cell.length_a   75.022
_cell.length_b   72.195
_cell.length_c   76.271
_cell.angle_alpha   90.000
_cell.angle_beta   112.090
_cell.angle_gamma   90.000
#
_symmetry.space_group_name_H-M   'P 1 21 1'
#
loop_
_entity.id
_entity.type
_entity.pdbx_description
1 polymer 'Aminotran_1_2 domain-containing protein'
2 non-polymer 2-[BIS-(2-HYDROXY-ETHYL)-AMINO]-2-HYDROXYMETHYL-PROPANE-1,3-DIOL
3 non-polymer 'ACETATE ION'
4 non-polymer 1,2-ETHANEDIOL
5 water water
#
_entity_poly.entity_id   1
_entity_poly.type   'polypeptide(L)'
_entity_poly.pdbx_seq_one_letter_code
;MNTDRYDSLTEVEVEGLSYLYNFADGHAYHDINEHYVDIINNLQRYWQEGKDHSIPDMEKAFKNQFAELIDSSTLHSTNH
FSVCPTASNSIDIVAAWLHKENKRTALIEPAFDNLYLLLKRRGVDISAFDELALKNEHQLAQIVSSGDIDALFLVNPNNP
TGLEMTESEFVYLVEQCKAHNITILLDRTFRIYGKTNFDDYQILEQSGIDYVVIEDTG(LLP)TWPTQDLKISLMVYSEA
ISSTMRLLYEEIFLCSSNFALALLKQFVAVTAKFGVDATIKNEVRRRSETINDALAGTGLKVFDNDEKCQLPLCWIDISA
TGYDDVSFAARLKEHDIAVLPGRFFYWNSKSQHTQFIRVSLMKPDAEFYEGIGKLKEAVTRILEKLEHHHHHH
;
_entity_poly.pdbx_strand_id   A,B
#
loop_
_chem_comp.id
_chem_comp.type
_chem_comp.name
_chem_comp.formula
ACT non-polymer 'ACETATE ION' 'C2 H3 O2 -1'
BTB non-polymer 2-[BIS-(2-HYDROXY-ETHYL)-AMINO]-2-HYDROXYMETHYL-PROPANE-1,3-DIOL 'C8 H19 N O5'
EDO non-polymer 1,2-ETHANEDIOL 'C2 H6 O2'
#
# COMPACT_ATOMS: atom_id res chain seq x y z
N ASP A 4 12.87 -20.77 -14.85
CA ASP A 4 12.36 -22.06 -14.32
C ASP A 4 12.36 -22.01 -12.79
N ARG A 5 11.51 -22.80 -12.15
CA ARG A 5 11.35 -22.94 -10.67
C ARG A 5 10.61 -21.76 -10.01
N TYR A 6 10.00 -22.04 -8.87
CA TYR A 6 9.23 -21.01 -8.14
C TYR A 6 10.08 -20.48 -7.00
N ASP A 7 10.08 -19.17 -6.87
CA ASP A 7 10.84 -18.53 -5.79
C ASP A 7 9.99 -18.13 -4.60
N SER A 8 8.66 -18.13 -4.75
CA SER A 8 7.80 -17.63 -3.69
C SER A 8 6.39 -18.14 -3.89
N LEU A 9 5.61 -18.14 -2.81
CA LEU A 9 4.18 -18.42 -2.88
C LEU A 9 3.46 -17.42 -3.76
N THR A 10 3.82 -16.14 -3.66
CA THR A 10 3.10 -15.13 -4.44
C THR A 10 3.30 -15.35 -5.93
N GLU A 11 4.48 -15.80 -6.34
CA GLU A 11 4.68 -16.16 -7.74
C GLU A 11 3.69 -17.24 -8.18
N VAL A 12 3.51 -18.27 -7.35
CA VAL A 12 2.55 -19.32 -7.67
C VAL A 12 1.14 -18.76 -7.72
N GLU A 13 0.79 -17.89 -6.76
CA GLU A 13 -0.55 -17.31 -6.72
C GLU A 13 -0.84 -16.45 -7.94
N VAL A 14 0.17 -15.67 -8.40
CA VAL A 14 0.00 -14.87 -9.61
C VAL A 14 -0.30 -15.77 -10.80
N GLU A 15 0.50 -16.83 -10.97
CA GLU A 15 0.24 -17.82 -12.02
C GLU A 15 -1.16 -18.40 -11.90
N GLY A 16 -1.60 -18.70 -10.68
CA GLY A 16 -2.90 -19.33 -10.49
C GLY A 16 -4.07 -18.46 -10.94
N LEU A 17 -3.90 -17.12 -10.95
CA LEU A 17 -4.95 -16.22 -11.42
C LEU A 17 -5.40 -16.52 -12.84
N SER A 18 -4.67 -17.34 -13.59
CA SER A 18 -5.00 -17.66 -14.96
C SER A 18 -5.66 -19.03 -15.13
N TYR A 19 -5.88 -19.76 -14.04
CA TYR A 19 -6.44 -21.11 -14.13
C TYR A 19 -7.92 -21.07 -13.82
N LEU A 20 -8.67 -21.96 -14.48
CA LEU A 20 -10.12 -21.97 -14.34
C LEU A 20 -10.53 -22.15 -12.88
N TYR A 21 -9.83 -23.03 -12.16
CA TYR A 21 -10.10 -23.30 -10.75
C TYR A 21 -8.86 -22.93 -9.95
N ASN A 22 -8.83 -21.69 -9.46
CA ASN A 22 -7.68 -21.17 -8.72
C ASN A 22 -7.91 -21.33 -7.22
N PHE A 23 -7.22 -22.30 -6.61
CA PHE A 23 -7.23 -22.46 -5.16
C PHE A 23 -5.91 -22.00 -4.53
N ALA A 24 -5.19 -21.14 -5.21
CA ALA A 24 -3.85 -20.76 -4.71
C ALA A 24 -3.91 -19.68 -3.63
N ASP A 25 -4.16 -18.43 -4.01
CA ASP A 25 -4.14 -17.34 -3.02
C ASP A 25 -5.31 -17.47 -2.06
N GLY A 26 -5.09 -17.13 -0.81
CA GLY A 26 -6.10 -17.23 0.24
C GLY A 26 -6.79 -15.93 0.51
N HIS A 27 -6.90 -15.07 -0.49
CA HIS A 27 -7.61 -13.78 -0.30
C HIS A 27 -9.12 -14.05 -0.36
N ALA A 28 -9.90 -13.31 0.41
CA ALA A 28 -11.37 -13.49 0.48
C ALA A 28 -12.01 -13.04 -0.83
N TYR A 29 -12.50 -14.00 -1.60
CA TYR A 29 -13.14 -13.70 -2.87
C TYR A 29 -14.46 -14.43 -3.04
N HIS A 30 -15.06 -14.87 -1.94
CA HIS A 30 -16.37 -15.49 -2.05
C HIS A 30 -17.42 -14.40 -2.30
N ASP A 31 -18.63 -14.85 -2.62
CA ASP A 31 -19.69 -13.92 -2.96
C ASP A 31 -20.23 -13.24 -1.71
N ILE A 32 -20.77 -12.03 -1.91
CA ILE A 32 -21.42 -11.26 -0.87
C ILE A 32 -22.64 -12.04 -0.38
N ASN A 33 -22.62 -12.51 0.86
CA ASN A 33 -23.76 -13.30 1.33
C ASN A 33 -24.93 -12.39 1.69
N GLU A 34 -26.01 -12.99 2.18
CA GLU A 34 -27.25 -12.24 2.39
C GLU A 34 -27.09 -11.14 3.42
N HIS A 35 -26.19 -11.33 4.40
CA HIS A 35 -26.03 -10.32 5.44
C HIS A 35 -25.34 -9.07 4.91
N TYR A 36 -24.50 -9.20 3.89
CA TYR A 36 -23.69 -8.08 3.40
C TYR A 36 -24.28 -7.40 2.17
N VAL A 37 -25.33 -7.97 1.57
CA VAL A 37 -25.86 -7.46 0.30
C VAL A 37 -26.25 -5.99 0.41
N ASP A 38 -26.87 -5.61 1.53
CA ASP A 38 -27.31 -4.22 1.68
C ASP A 38 -26.14 -3.24 1.61
N ILE A 39 -24.93 -3.68 1.97
CA ILE A 39 -23.78 -2.80 1.87
C ILE A 39 -23.49 -2.45 0.41
N ILE A 40 -23.41 -3.48 -0.44
CA ILE A 40 -23.17 -3.24 -1.86
C ILE A 40 -24.34 -2.46 -2.48
N ASN A 41 -25.56 -2.77 -2.05
CA ASN A 41 -26.71 -1.99 -2.53
C ASN A 41 -26.61 -0.52 -2.15
N ASN A 42 -25.83 -0.18 -1.12
CA ASN A 42 -25.74 1.16 -0.57
C ASN A 42 -24.32 1.69 -0.60
N LEU A 43 -23.56 1.36 -1.65
CA LEU A 43 -22.17 1.81 -1.73
C LEU A 43 -22.08 3.31 -1.61
N GLN A 44 -23.09 4.02 -2.11
CA GLN A 44 -23.10 5.48 -2.08
C GLN A 44 -23.12 6.01 -0.66
N ARG A 45 -23.86 5.31 0.23
CA ARG A 45 -23.92 5.73 1.63
C ARG A 45 -22.53 5.78 2.26
N TYR A 46 -21.67 4.84 1.91
CA TYR A 46 -20.34 4.76 2.53
C TYR A 46 -19.36 5.67 1.84
N TRP A 47 -19.49 5.85 0.52
CA TRP A 47 -18.83 6.96 -0.15
C TRP A 47 -19.14 8.29 0.54
N GLN A 48 -20.42 8.52 0.81
CA GLN A 48 -20.83 9.78 1.43
C GLN A 48 -20.29 9.90 2.86
N GLU A 49 -20.32 8.79 3.61
CA GLU A 49 -19.81 8.84 4.98
C GLU A 49 -18.32 9.20 5.02
N GLY A 50 -17.54 8.62 4.10
CA GLY A 50 -16.14 9.00 4.02
C GLY A 50 -15.95 10.46 3.65
N LYS A 51 -16.84 10.99 2.81
CA LYS A 51 -16.75 12.39 2.43
C LYS A 51 -17.08 13.30 3.60
N ASP A 52 -18.04 12.90 4.43
CA ASP A 52 -18.54 13.77 5.48
C ASP A 52 -17.73 13.74 6.77
N HIS A 53 -16.62 13.01 6.82
CA HIS A 53 -15.88 12.91 8.06
C HIS A 53 -14.39 13.10 7.83
N SER A 54 -13.72 13.61 8.85
CA SER A 54 -12.30 13.85 8.77
C SER A 54 -11.55 12.52 8.74
N ILE A 55 -10.34 12.55 8.18
CA ILE A 55 -9.48 11.38 8.18
C ILE A 55 -9.21 10.86 9.59
N PRO A 56 -8.77 11.68 10.56
CA PRO A 56 -8.61 11.16 11.93
C PRO A 56 -9.88 10.58 12.53
N ASP A 57 -11.04 11.21 12.31
CA ASP A 57 -12.27 10.65 12.88
C ASP A 57 -12.59 9.29 12.27
N MET A 58 -12.34 9.11 10.97
CA MET A 58 -12.67 7.84 10.33
C MET A 58 -11.72 6.73 10.77
N GLU A 59 -10.44 7.05 10.94
CA GLU A 59 -9.50 6.08 11.47
C GLU A 59 -9.96 5.55 12.82
N LYS A 60 -10.31 6.46 13.75
CA LYS A 60 -10.70 6.03 15.09
C LYS A 60 -12.04 5.30 15.08
N ALA A 61 -12.97 5.75 14.24
CA ALA A 61 -14.26 5.08 14.15
C ALA A 61 -14.13 3.63 13.66
N PHE A 62 -13.31 3.37 12.62
CA PHE A 62 -13.10 1.98 12.23
C PHE A 62 -12.42 1.20 13.35
N LYS A 63 -11.39 1.78 13.95
CA LYS A 63 -10.68 1.10 15.04
C LYS A 63 -11.63 0.73 16.17
N ASN A 64 -12.50 1.66 16.58
CA ASN A 64 -13.42 1.39 17.68
C ASN A 64 -14.52 0.41 17.27
N GLN A 65 -14.97 0.45 16.02
CA GLN A 65 -15.90 -0.56 15.55
C GLN A 65 -15.29 -1.96 15.65
N PHE A 66 -14.03 -2.10 15.24
CA PHE A 66 -13.33 -3.38 15.38
C PHE A 66 -13.18 -3.77 16.84
N ALA A 67 -12.73 -2.83 17.69
CA ALA A 67 -12.61 -3.12 19.12
C ALA A 67 -13.94 -3.58 19.72
N GLU A 68 -15.05 -3.04 19.23
CA GLU A 68 -16.34 -3.50 19.70
C GLU A 68 -16.62 -4.92 19.23
N LEU A 69 -16.29 -5.23 17.96
CA LEU A 69 -16.52 -6.57 17.44
C LEU A 69 -15.72 -7.62 18.21
N ILE A 70 -14.45 -7.33 18.53
CA ILE A 70 -13.64 -8.28 19.29
C ILE A 70 -13.72 -8.04 20.78
N ASP A 71 -14.49 -7.03 21.22
CA ASP A 71 -14.73 -6.72 22.63
C ASP A 71 -13.42 -6.50 23.40
N SER A 72 -12.64 -5.53 22.93
CA SER A 72 -11.40 -5.14 23.57
C SER A 72 -11.53 -3.68 24.01
N SER A 73 -11.80 -3.48 25.30
CA SER A 73 -11.80 -2.12 25.84
C SER A 73 -10.43 -1.47 25.73
N THR A 74 -9.37 -2.27 25.65
CA THR A 74 -8.03 -1.71 25.51
C THR A 74 -7.77 -1.19 24.10
N LEU A 75 -8.17 -1.93 23.06
CA LEU A 75 -8.07 -1.39 21.72
C LEU A 75 -8.90 -0.12 21.59
N HIS A 76 -10.13 -0.15 22.14
CA HIS A 76 -11.00 1.02 22.10
C HIS A 76 -10.35 2.25 22.72
N SER A 77 -9.50 2.08 23.72
CA SER A 77 -8.97 3.30 24.35
C SER A 77 -7.61 3.74 23.84
N THR A 78 -6.90 2.93 23.08
CA THR A 78 -5.54 3.36 22.65
C THR A 78 -5.61 4.28 21.45
N ASN A 79 -4.71 5.25 21.40
CA ASN A 79 -4.58 6.15 20.24
C ASN A 79 -3.26 5.88 19.53
N HIS A 80 -2.52 4.85 19.95
CA HIS A 80 -1.22 4.55 19.32
C HIS A 80 -1.41 3.53 18.21
N PHE A 81 -1.83 3.99 17.04
CA PHE A 81 -2.04 3.06 15.93
C PHE A 81 -2.03 3.84 14.61
N SER A 82 -1.81 3.12 13.53
CA SER A 82 -1.89 3.67 12.18
C SER A 82 -2.70 2.72 11.31
N VAL A 83 -3.13 3.21 10.15
CA VAL A 83 -3.97 2.46 9.23
C VAL A 83 -3.26 2.39 7.89
N CYS A 84 -2.95 1.17 7.44
CA CYS A 84 -2.37 0.92 6.12
C CYS A 84 -3.39 0.29 5.18
N PRO A 85 -3.19 0.42 3.88
CA PRO A 85 -4.13 -0.21 2.93
C PRO A 85 -3.97 -1.71 2.77
N THR A 86 -2.86 -2.31 3.21
CA THR A 86 -2.71 -3.76 3.20
C THR A 86 -1.91 -4.17 4.43
N ALA A 87 -2.08 -5.42 4.84
CA ALA A 87 -1.35 -5.90 6.00
C ALA A 87 0.11 -6.15 5.69
N SER A 88 0.48 -6.48 4.43
CA SER A 88 1.91 -6.54 4.14
C SER A 88 2.59 -5.18 4.24
N ASN A 89 1.87 -4.08 3.97
CA ASN A 89 2.46 -2.78 4.25
C ASN A 89 2.76 -2.64 5.72
N SER A 90 1.85 -3.10 6.58
CA SER A 90 2.08 -2.98 8.02
C SER A 90 3.30 -3.80 8.42
N ILE A 91 3.41 -5.02 7.88
CA ILE A 91 4.54 -5.89 8.16
C ILE A 91 5.85 -5.24 7.72
N ASP A 92 5.85 -4.64 6.51
CA ASP A 92 7.06 -4.01 5.99
C ASP A 92 7.51 -2.85 6.87
N ILE A 93 6.57 -2.08 7.42
CA ILE A 93 6.93 -1.03 8.36
C ILE A 93 7.55 -1.63 9.62
N VAL A 94 6.95 -2.70 10.14
CA VAL A 94 7.52 -3.38 11.30
C VAL A 94 8.94 -3.85 10.99
N ALA A 95 9.15 -4.41 9.78
CA ALA A 95 10.47 -4.88 9.42
C ALA A 95 11.47 -3.73 9.40
N ALA A 96 11.08 -2.59 8.86
CA ALA A 96 11.97 -1.44 8.85
C ALA A 96 12.27 -0.96 10.27
N TRP A 97 11.27 -1.01 11.16
CA TRP A 97 11.52 -0.70 12.56
C TRP A 97 12.48 -1.71 13.18
N LEU A 98 12.23 -3.00 12.94
CA LEU A 98 13.10 -4.02 13.51
C LEU A 98 14.55 -3.80 13.10
N HIS A 99 14.76 -3.41 11.84
CA HIS A 99 16.12 -3.15 11.36
C HIS A 99 16.68 -1.88 11.99
N LYS A 100 15.90 -0.80 12.01
CA LYS A 100 16.40 0.47 12.52
C LYS A 100 16.81 0.33 13.98
N GLU A 101 16.05 -0.44 14.76
CA GLU A 101 16.36 -0.63 16.18
C GLU A 101 17.24 -1.84 16.40
N ASN A 102 17.87 -2.32 15.34
CA ASN A 102 18.89 -3.38 15.45
C ASN A 102 18.36 -4.54 16.28
N LYS A 103 17.12 -4.91 16.06
CA LYS A 103 16.56 -6.08 16.80
CA LYS A 103 16.58 -6.09 16.78
C LYS A 103 16.59 -7.50 16.10
N ARG A 104 17.39 -8.35 16.73
CA ARG A 104 17.52 -9.74 16.26
C ARG A 104 16.13 -10.33 16.41
N THR A 105 15.59 -10.90 15.34
CA THR A 105 14.20 -11.32 15.34
C THR A 105 14.12 -12.80 15.01
N ALA A 106 13.44 -13.56 15.88
CA ALA A 106 13.05 -14.93 15.58
C ALA A 106 11.66 -14.91 14.96
N LEU A 107 11.52 -15.58 13.81
CA LEU A 107 10.29 -15.55 13.05
C LEU A 107 9.65 -16.93 13.06
N ILE A 108 8.33 -16.97 13.28
CA ILE A 108 7.63 -18.24 13.34
C ILE A 108 7.83 -19.04 12.05
N GLU A 109 7.95 -20.35 12.19
CA GLU A 109 8.02 -21.27 11.08
C GLU A 109 7.12 -22.45 11.40
N PRO A 110 6.15 -22.78 10.54
CA PRO A 110 5.95 -22.20 9.22
C PRO A 110 5.32 -20.81 9.25
N ALA A 111 5.41 -20.08 8.14
CA ALA A 111 4.78 -18.78 7.99
C ALA A 111 4.59 -18.51 6.51
N PHE A 112 3.59 -17.68 6.19
CA PHE A 112 3.48 -17.22 4.81
C PHE A 112 4.78 -16.52 4.44
N ASP A 113 5.36 -16.91 3.30
CA ASP A 113 6.78 -16.67 3.11
C ASP A 113 7.13 -15.20 2.93
N ASN A 114 6.19 -14.35 2.47
CA ASN A 114 6.56 -12.94 2.32
C ASN A 114 6.79 -12.25 3.66
N LEU A 115 6.33 -12.85 4.77
CA LEU A 115 6.81 -12.40 6.08
C LEU A 115 8.33 -12.48 6.15
N TYR A 116 8.87 -13.65 5.84
CA TYR A 116 10.33 -13.80 5.80
C TYR A 116 10.95 -12.90 4.74
N LEU A 117 10.34 -12.82 3.55
CA LEU A 117 10.97 -12.06 2.48
C LEU A 117 11.04 -10.58 2.82
N LEU A 118 10.00 -10.05 3.46
CA LEU A 118 10.03 -8.62 3.80
C LEU A 118 11.07 -8.35 4.88
N LEU A 119 11.08 -9.16 5.95
CA LEU A 119 12.10 -8.98 7.00
C LEU A 119 13.50 -9.05 6.42
N LYS A 120 13.74 -10.01 5.55
CA LYS A 120 15.04 -10.18 4.92
C LYS A 120 15.39 -8.97 4.06
N ARG A 121 14.43 -8.49 3.27
CA ARG A 121 14.71 -7.37 2.37
C ARG A 121 15.08 -6.11 3.14
N ARG A 122 14.49 -5.90 4.32
CA ARG A 122 14.86 -4.79 5.20
C ARG A 122 16.16 -5.03 5.96
N GLY A 123 16.82 -6.16 5.80
CA GLY A 123 18.07 -6.40 6.48
C GLY A 123 17.96 -6.84 7.93
N VAL A 124 16.81 -7.37 8.36
CA VAL A 124 16.70 -7.86 9.73
C VAL A 124 17.55 -9.13 9.92
N ASP A 125 18.10 -9.28 11.12
CA ASP A 125 18.83 -10.49 11.52
C ASP A 125 17.81 -11.55 11.96
N ILE A 126 17.61 -12.57 11.13
CA ILE A 126 16.46 -13.46 11.23
C ILE A 126 16.91 -14.84 11.67
N SER A 127 16.23 -15.38 12.68
CA SER A 127 16.34 -16.78 13.03
C SER A 127 14.94 -17.40 13.02
N ALA A 128 14.91 -18.71 12.82
CA ALA A 128 13.66 -19.45 12.82
C ALA A 128 13.30 -19.85 14.24
N PHE A 129 12.01 -19.95 14.51
CA PHE A 129 11.59 -20.64 15.71
C PHE A 129 10.30 -21.41 15.45
N ASP A 130 10.26 -22.62 16.05
CA ASP A 130 9.19 -23.60 15.85
C ASP A 130 7.85 -23.07 16.36
N GLU A 131 6.82 -23.12 15.50
CA GLU A 131 5.48 -22.69 15.93
C GLU A 131 4.99 -23.50 17.14
N LEU A 132 5.45 -24.73 17.29
CA LEU A 132 4.99 -25.57 18.39
C LEU A 132 5.47 -25.06 19.74
N ALA A 133 6.53 -24.24 19.77
CA ALA A 133 7.02 -23.71 21.04
C ALA A 133 6.00 -22.83 21.74
N LEU A 134 4.99 -22.32 21.00
CA LEU A 134 3.95 -21.48 21.57
C LEU A 134 2.98 -22.25 22.46
N LYS A 135 3.00 -23.57 22.34
CA LYS A 135 2.14 -24.48 23.13
C LYS A 135 3.02 -25.41 23.97
N ASN A 136 4.22 -24.98 24.29
CA ASN A 136 5.15 -25.77 25.13
C ASN A 136 6.02 -24.79 25.89
N GLU A 137 5.73 -24.60 27.18
CA GLU A 137 6.42 -23.62 28.02
C GLU A 137 7.92 -23.89 28.09
N HIS A 138 8.33 -25.15 28.13
CA HIS A 138 9.76 -25.45 28.24
C HIS A 138 10.49 -25.02 26.98
N GLN A 139 9.98 -25.39 25.81
CA GLN A 139 10.69 -25.03 24.55
C GLN A 139 10.72 -23.50 24.41
N LEU A 140 9.60 -22.84 24.66
CA LEU A 140 9.52 -21.37 24.53
C LEU A 140 10.53 -20.73 25.49
N ALA A 141 10.66 -21.25 26.71
CA ALA A 141 11.57 -20.64 27.67
C ALA A 141 13.02 -20.74 27.19
N GLN A 142 13.40 -21.87 26.59
CA GLN A 142 14.74 -22.00 26.04
C GLN A 142 15.00 -20.96 24.95
N ILE A 143 13.99 -20.66 24.13
CA ILE A 143 14.19 -19.74 23.02
C ILE A 143 14.38 -18.31 23.53
N VAL A 144 13.52 -17.87 24.44
CA VAL A 144 13.52 -16.47 24.84
C VAL A 144 14.67 -16.15 25.79
N SER A 145 15.16 -17.12 26.54
CA SER A 145 16.24 -16.90 27.50
C SER A 145 17.62 -17.15 26.92
N SER A 146 17.72 -17.42 25.62
CA SER A 146 18.99 -17.82 25.01
C SER A 146 20.00 -16.69 24.94
N GLY A 147 19.57 -15.44 24.91
CA GLY A 147 20.47 -14.34 24.65
C GLY A 147 20.69 -14.05 23.18
N ASP A 148 20.02 -14.77 22.29
CA ASP A 148 20.21 -14.63 20.86
C ASP A 148 19.18 -13.72 20.19
N ILE A 149 18.08 -13.37 20.85
CA ILE A 149 17.01 -12.65 20.19
C ILE A 149 16.55 -11.44 21.00
N ASP A 150 16.06 -10.43 20.26
CA ASP A 150 15.50 -9.22 20.82
C ASP A 150 14.03 -9.04 20.50
N ALA A 151 13.50 -9.74 19.50
CA ALA A 151 12.11 -9.62 19.08
C ALA A 151 11.60 -10.98 18.63
N LEU A 152 10.29 -11.16 18.72
CA LEU A 152 9.65 -12.41 18.33
C LEU A 152 8.45 -12.09 17.45
N PHE A 153 8.48 -12.58 16.22
CA PHE A 153 7.45 -12.30 15.23
C PHE A 153 6.54 -13.50 15.06
N LEU A 154 5.27 -13.37 15.46
CA LEU A 154 4.34 -14.49 15.46
C LEU A 154 3.16 -14.21 14.55
N VAL A 155 2.53 -15.28 14.09
CA VAL A 155 1.26 -15.24 13.38
C VAL A 155 0.29 -16.06 14.21
N ASN A 156 -0.75 -15.42 14.73
CA ASN A 156 -1.72 -16.11 15.57
C ASN A 156 -3.14 -15.73 15.20
N PRO A 157 -3.98 -16.68 14.73
CA PRO A 157 -3.64 -18.08 14.43
C PRO A 157 -2.76 -18.23 13.21
N ASN A 158 -1.93 -19.27 13.21
CA ASN A 158 -0.87 -19.39 12.23
C ASN A 158 -1.39 -19.94 10.91
N ASN A 159 -0.80 -19.46 9.82
CA ASN A 159 -1.10 -19.86 8.47
C ASN A 159 0.05 -20.71 7.94
N PRO A 160 -0.16 -21.98 7.52
CA PRO A 160 -1.41 -22.68 7.20
C PRO A 160 -1.93 -23.69 8.21
N THR A 161 -1.31 -23.80 9.38
CA THR A 161 -1.62 -24.91 10.26
C THR A 161 -2.85 -24.65 11.13
N GLY A 162 -3.27 -23.39 11.29
CA GLY A 162 -4.34 -23.11 12.22
C GLY A 162 -3.97 -23.19 13.68
N LEU A 163 -2.68 -23.35 14.01
CA LEU A 163 -2.25 -23.30 15.41
C LEU A 163 -2.73 -22.01 16.06
N GLU A 164 -3.31 -22.12 17.25
CA GLU A 164 -3.92 -20.98 17.90
C GLU A 164 -3.65 -21.01 19.39
N MET A 165 -3.19 -19.90 19.94
CA MET A 165 -2.82 -19.85 21.34
C MET A 165 -4.05 -19.77 22.23
N THR A 166 -4.00 -20.45 23.36
CA THR A 166 -4.96 -20.23 24.43
C THR A 166 -4.62 -18.94 25.17
N GLU A 167 -5.54 -18.53 26.05
CA GLU A 167 -5.26 -17.42 26.95
C GLU A 167 -4.03 -17.71 27.80
N SER A 168 -4.02 -18.86 28.47
CA SER A 168 -2.86 -19.30 29.25
C SER A 168 -1.57 -19.19 28.44
N GLU A 169 -1.56 -19.77 27.24
CA GLU A 169 -0.34 -19.78 26.43
C GLU A 169 0.07 -18.36 26.05
N PHE A 170 -0.90 -17.51 25.72
CA PHE A 170 -0.56 -16.13 25.38
C PHE A 170 -0.04 -15.37 26.59
N VAL A 171 -0.73 -15.49 27.74
CA VAL A 171 -0.25 -14.87 28.97
C VAL A 171 1.17 -15.36 29.27
N TYR A 172 1.38 -16.68 29.17
CA TYR A 172 2.72 -17.22 29.36
C TYR A 172 3.71 -16.64 28.35
N LEU A 173 3.30 -16.57 27.08
CA LEU A 173 4.17 -16.00 26.06
C LEU A 173 4.57 -14.57 26.40
N VAL A 174 3.59 -13.75 26.81
CA VAL A 174 3.85 -12.35 27.11
C VAL A 174 4.68 -12.22 28.38
N GLU A 175 4.43 -13.09 29.37
CA GLU A 175 5.22 -13.07 30.59
C GLU A 175 6.70 -13.29 30.28
N GLN A 176 7.01 -14.25 29.41
CA GLN A 176 8.41 -14.60 29.17
C GLN A 176 9.14 -13.52 28.37
N CYS A 177 8.51 -12.93 27.35
CA CYS A 177 9.19 -11.88 26.59
C CYS A 177 9.49 -10.67 27.48
N LYS A 178 8.57 -10.34 28.40
CA LYS A 178 8.83 -9.25 29.34
C LYS A 178 10.10 -9.49 30.14
N ALA A 179 10.34 -10.73 30.58
CA ALA A 179 11.48 -11.02 31.44
C ALA A 179 12.81 -10.94 30.70
N HIS A 180 12.82 -10.95 29.38
CA HIS A 180 14.06 -10.82 28.63
C HIS A 180 14.05 -9.65 27.68
N ASN A 181 13.16 -8.67 27.90
CA ASN A 181 13.12 -7.43 27.12
C ASN A 181 12.98 -7.73 25.62
N ILE A 182 12.00 -8.56 25.28
CA ILE A 182 11.75 -8.98 23.90
C ILE A 182 10.47 -8.33 23.38
N THR A 183 10.53 -7.77 22.19
CA THR A 183 9.34 -7.14 21.56
C THR A 183 8.53 -8.20 20.84
N ILE A 184 7.22 -8.15 20.97
CA ILE A 184 6.38 -9.17 20.33
C ILE A 184 5.69 -8.59 19.09
N LEU A 185 5.90 -9.20 17.93
CA LEU A 185 5.21 -8.78 16.70
C LEU A 185 4.11 -9.82 16.48
N LEU A 186 2.86 -9.38 16.44
CA LEU A 186 1.75 -10.33 16.35
C LEU A 186 0.92 -10.07 15.11
N ASP A 187 0.88 -11.03 14.19
CA ASP A 187 0.10 -10.88 12.95
C ASP A 187 -1.21 -11.58 13.21
N ARG A 188 -2.28 -10.81 13.35
CA ARG A 188 -3.60 -11.33 13.69
C ARG A 188 -4.52 -11.39 12.48
N THR A 189 -3.96 -11.60 11.28
CA THR A 189 -4.74 -11.60 10.05
C THR A 189 -5.94 -12.53 10.13
N PHE A 190 -5.76 -13.71 10.72
CA PHE A 190 -6.84 -14.70 10.79
C PHE A 190 -7.56 -14.70 12.12
N ARG A 191 -7.45 -13.62 12.90
CA ARG A 191 -8.05 -13.58 14.23
C ARG A 191 -9.52 -13.98 14.21
N ILE A 192 -10.29 -13.48 13.23
CA ILE A 192 -11.73 -13.70 13.28
C ILE A 192 -12.08 -15.18 13.15
N TYR A 193 -11.18 -16.02 12.63
CA TYR A 193 -11.43 -17.44 12.54
C TYR A 193 -11.07 -18.22 13.81
N GLY A 194 -10.43 -17.58 14.78
CA GLY A 194 -10.03 -18.29 15.97
C GLY A 194 -11.23 -18.69 16.82
N LYS A 195 -11.12 -19.85 17.46
CA LYS A 195 -12.13 -20.33 18.39
C LYS A 195 -11.99 -19.71 19.77
N THR A 196 -10.99 -18.85 19.97
CA THR A 196 -10.80 -18.14 21.21
C THR A 196 -11.73 -16.93 21.30
N ASN A 197 -11.62 -16.29 22.44
CA ASN A 197 -12.40 -15.08 22.82
C ASN A 197 -11.78 -14.61 24.13
N PHE A 198 -10.81 -13.73 24.01
CA PHE A 198 -10.07 -13.15 25.15
C PHE A 198 -9.44 -11.84 24.68
N ASP A 199 -8.91 -11.05 25.61
CA ASP A 199 -8.41 -9.71 25.23
C ASP A 199 -6.91 -9.67 25.08
N ASP A 200 -6.39 -10.02 23.90
CA ASP A 200 -4.92 -10.00 23.70
C ASP A 200 -4.37 -8.59 23.93
N TYR A 201 -5.06 -7.55 23.48
CA TYR A 201 -4.54 -6.17 23.63
C TYR A 201 -4.38 -5.84 25.12
N GLN A 202 -5.39 -6.16 25.91
CA GLN A 202 -5.33 -5.89 27.37
C GLN A 202 -4.10 -6.61 27.97
N ILE A 203 -3.93 -7.88 27.63
CA ILE A 203 -2.80 -8.64 28.17
C ILE A 203 -1.48 -7.99 27.76
N LEU A 204 -1.40 -7.52 26.51
CA LEU A 204 -0.20 -6.84 26.04
C LEU A 204 0.00 -5.50 26.74
N GLU A 205 -1.06 -4.71 26.88
CA GLU A 205 -0.92 -3.39 27.48
C GLU A 205 -0.58 -3.45 28.97
N GLN A 206 -1.27 -4.34 29.70
CA GLN A 206 -1.07 -4.50 31.16
C GLN A 206 0.37 -4.94 31.45
N SER A 207 0.93 -5.72 30.53
CA SER A 207 2.30 -6.27 30.62
C SER A 207 3.38 -5.20 30.56
N GLY A 208 3.19 -4.16 29.75
CA GLY A 208 4.24 -3.12 29.61
C GLY A 208 5.31 -3.45 28.59
N ILE A 209 5.22 -4.58 27.89
CA ILE A 209 6.28 -4.84 26.86
C ILE A 209 6.01 -4.04 25.58
N ASP A 210 7.05 -3.89 24.78
CA ASP A 210 6.92 -3.25 23.45
C ASP A 210 6.26 -4.27 22.52
N TYR A 211 5.34 -3.81 21.68
CA TYR A 211 4.63 -4.72 20.79
C TYR A 211 4.10 -3.98 19.56
N VAL A 212 3.87 -4.74 18.51
CA VAL A 212 3.04 -4.29 17.39
C VAL A 212 2.07 -5.42 17.09
N VAL A 213 0.79 -5.08 16.97
CA VAL A 213 -0.23 -6.01 16.51
C VAL A 213 -0.73 -5.54 15.14
N ILE A 214 -0.88 -6.48 14.22
CA ILE A 214 -1.32 -6.20 12.85
C ILE A 214 -2.65 -6.93 12.63
N GLU A 215 -3.70 -6.17 12.27
CA GLU A 215 -4.99 -6.73 11.89
C GLU A 215 -5.17 -6.66 10.37
N ASP A 216 -6.13 -7.42 9.85
CA ASP A 216 -6.38 -7.41 8.41
C ASP A 216 -7.85 -7.67 8.15
N THR A 217 -8.39 -7.03 7.11
CA THR A 217 -9.72 -7.41 6.62
C THR A 217 -9.67 -8.39 5.45
N GLY A 218 -8.54 -8.45 4.73
CA GLY A 218 -8.46 -9.15 3.47
C GLY A 218 -8.63 -10.66 3.41
N1 LLP A 219 -0.13 -12.18 6.98
C2 LLP A 219 -0.52 -13.41 6.65
C2' LLP A 219 -0.05 -14.61 7.52
C3 LLP A 219 -1.34 -13.58 5.52
O3 LLP A 219 -1.74 -14.87 5.20
C4 LLP A 219 -1.75 -12.50 4.76
C4' LLP A 219 -2.70 -12.75 3.49
C5 LLP A 219 -1.34 -11.24 5.09
C6 LLP A 219 -0.52 -11.07 6.22
C5' LLP A 219 -1.76 -9.95 4.31
OP4 LLP A 219 -1.57 -10.15 2.94
P LLP A 219 -1.89 -9.05 1.90
OP1 LLP A 219 -3.36 -8.61 1.88
OP2 LLP A 219 -0.98 -7.92 2.17
OP3 LLP A 219 -1.59 -9.71 0.58
N LLP A 219 -8.50 -11.34 4.54
CA LLP A 219 -8.68 -12.81 4.58
CB LLP A 219 -7.57 -13.47 5.38
CG LLP A 219 -6.52 -14.11 4.47
CD LLP A 219 -5.92 -13.06 3.53
CE LLP A 219 -4.71 -13.66 2.78
NZ LLP A 219 -3.60 -13.82 3.73
C LLP A 219 -10.01 -13.12 5.19
O LLP A 219 -10.37 -14.31 5.37
N THR A 220 -10.86 -12.10 5.36
CA THR A 220 -12.11 -12.27 6.09
C THR A 220 -13.34 -11.70 5.36
N TRP A 221 -13.28 -10.44 4.95
CA TRP A 221 -14.41 -9.83 4.26
C TRP A 221 -14.05 -9.67 2.78
N PRO A 222 -14.87 -10.22 1.86
CA PRO A 222 -14.50 -10.19 0.44
C PRO A 222 -14.80 -8.85 -0.21
N THR A 223 -13.83 -7.94 -0.20
CA THR A 223 -14.06 -6.61 -0.75
C THR A 223 -13.13 -6.33 -1.91
N GLN A 224 -12.89 -7.36 -2.74
CA GLN A 224 -12.07 -7.26 -3.95
C GLN A 224 -10.70 -6.65 -3.66
N ASP A 225 -10.12 -7.04 -2.53
CA ASP A 225 -8.81 -6.58 -2.08
C ASP A 225 -8.76 -5.07 -1.84
N LEU A 226 -9.92 -4.44 -1.66
CA LEU A 226 -10.00 -3.11 -1.04
C LEU A 226 -9.95 -3.35 0.45
N LYS A 227 -8.80 -3.08 1.08
CA LYS A 227 -8.55 -3.61 2.43
C LYS A 227 -8.15 -2.50 3.41
N ILE A 228 -8.17 -2.87 4.69
CA ILE A 228 -7.72 -2.00 5.78
C ILE A 228 -6.90 -2.84 6.75
N SER A 229 -5.75 -2.33 7.18
CA SER A 229 -4.89 -3.00 8.16
C SER A 229 -4.57 -2.06 9.33
N LEU A 230 -5.16 -2.32 10.50
CA LEU A 230 -4.76 -1.62 11.69
C LEU A 230 -3.39 -2.12 12.15
N MET A 231 -2.48 -1.19 12.42
CA MET A 231 -1.18 -1.47 13.02
C MET A 231 -1.18 -0.77 14.36
N VAL A 232 -1.23 -1.54 15.45
CA VAL A 232 -1.37 -1.03 16.80
C VAL A 232 -0.12 -1.40 17.58
N TYR A 233 0.39 -0.46 18.37
CA TYR A 233 1.71 -0.62 18.96
C TYR A 233 1.75 0.04 20.34
N SER A 234 2.77 -0.32 21.11
CA SER A 234 2.89 0.20 22.47
C SER A 234 3.29 1.67 22.43
N GLU A 235 3.02 2.35 23.54
CA GLU A 235 3.29 3.78 23.65
C GLU A 235 4.78 4.08 23.48
N ALA A 236 5.65 3.22 24.01
CA ALA A 236 7.07 3.52 24.06
C ALA A 236 7.71 3.52 22.66
N ILE A 237 7.20 2.69 21.75
CA ILE A 237 7.78 2.64 20.37
C ILE A 237 6.89 3.40 19.38
N SER A 238 5.84 4.07 19.84
CA SER A 238 4.88 4.79 18.95
CA SER A 238 4.93 4.85 19.08
C SER A 238 5.30 5.95 17.98
N SER A 239 6.21 6.70 18.59
CA SER A 239 6.84 7.85 17.93
C SER A 239 7.68 7.40 16.74
N THR A 240 8.47 6.34 16.91
CA THR A 240 9.28 5.88 15.79
C THR A 240 8.44 5.09 14.79
N MET A 241 7.49 4.30 15.28
CA MET A 241 6.63 3.54 14.36
C MET A 241 5.85 4.48 13.45
N ARG A 242 5.26 5.51 14.02
CA ARG A 242 4.49 6.52 13.23
C ARG A 242 5.43 7.23 12.27
N LEU A 243 6.67 7.52 12.68
CA LEU A 243 7.60 8.17 11.77
C LEU A 243 7.83 7.29 10.54
N LEU A 244 8.01 5.99 10.74
CA LEU A 244 8.25 5.08 9.60
C LEU A 244 7.00 5.01 8.73
N TYR A 245 5.85 4.95 9.36
CA TYR A 245 4.57 4.88 8.62
C TYR A 245 4.45 6.11 7.74
N GLU A 246 4.80 7.26 8.30
CA GLU A 246 4.61 8.50 7.57
C GLU A 246 5.61 8.70 6.43
N GLU A 247 6.68 7.89 6.40
CA GLU A 247 7.58 7.91 5.24
C GLU A 247 6.88 7.44 3.98
N ILE A 248 5.89 6.57 4.13
CA ILE A 248 5.20 6.01 2.98
C ILE A 248 3.73 6.41 2.91
N PHE A 249 3.06 6.73 4.02
CA PHE A 249 1.61 7.00 3.99
C PHE A 249 1.26 8.28 4.72
N LEU A 250 0.34 9.04 4.13
CA LEU A 250 -0.38 10.06 4.86
C LEU A 250 -1.58 9.46 5.60
N CYS A 251 -2.34 8.62 4.90
CA CYS A 251 -3.51 7.98 5.49
C CYS A 251 -3.92 6.86 4.54
N SER A 252 -4.94 6.09 4.94
CA SER A 252 -5.63 5.17 4.04
C SER A 252 -6.89 5.86 3.54
N SER A 253 -7.69 5.14 2.73
CA SER A 253 -8.86 5.75 2.09
C SER A 253 -10.03 5.84 3.07
N ASN A 254 -10.59 7.04 3.20
CA ASN A 254 -11.79 7.20 4.01
C ASN A 254 -12.95 6.38 3.47
N PHE A 255 -13.00 6.16 2.16
CA PHE A 255 -14.06 5.35 1.58
C PHE A 255 -13.88 3.88 1.96
N ALA A 256 -12.64 3.38 1.91
CA ALA A 256 -12.37 2.01 2.35
C ALA A 256 -12.63 1.84 3.83
N LEU A 257 -12.27 2.83 4.63
CA LEU A 257 -12.58 2.75 6.05
C LEU A 257 -14.09 2.69 6.28
N ALA A 258 -14.85 3.58 5.64
CA ALA A 258 -16.31 3.57 5.83
C ALA A 258 -16.90 2.25 5.37
N LEU A 259 -16.37 1.69 4.27
CA LEU A 259 -16.91 0.45 3.74
C LEU A 259 -16.64 -0.71 4.71
N LEU A 260 -15.39 -0.91 5.09
CA LEU A 260 -15.06 -2.03 5.97
C LEU A 260 -15.62 -1.85 7.37
N LYS A 261 -15.76 -0.59 7.83
CA LYS A 261 -16.41 -0.38 9.12
C LYS A 261 -17.78 -1.05 9.16
N GLN A 262 -18.54 -0.95 8.06
CA GLN A 262 -19.90 -1.51 8.06
C GLN A 262 -19.89 -3.03 7.89
N PHE A 263 -18.92 -3.58 7.14
CA PHE A 263 -18.72 -5.02 7.15
C PHE A 263 -18.47 -5.54 8.56
N VAL A 264 -17.65 -4.81 9.34
CA VAL A 264 -17.33 -5.20 10.70
C VAL A 264 -18.55 -5.04 11.62
N ALA A 265 -19.32 -3.98 11.42
CA ALA A 265 -20.51 -3.78 12.25
C ALA A 265 -21.58 -4.83 11.99
N VAL A 266 -21.70 -5.28 10.74
CA VAL A 266 -22.71 -6.28 10.41
C VAL A 266 -22.32 -7.62 11.00
N THR A 267 -21.03 -7.95 10.99
CA THR A 267 -20.55 -9.17 11.61
C THR A 267 -20.75 -9.16 13.12
N ALA A 268 -20.62 -8.00 13.75
CA ALA A 268 -20.89 -7.93 15.20
C ALA A 268 -22.38 -8.17 15.46
N LYS A 269 -23.24 -7.59 14.65
CA LYS A 269 -24.70 -7.69 14.86
C LYS A 269 -25.22 -9.12 14.70
N PHE A 270 -24.80 -9.83 13.67
CA PHE A 270 -25.35 -11.19 13.45
C PHE A 270 -24.40 -12.29 13.92
N GLY A 271 -23.23 -11.94 14.44
CA GLY A 271 -22.28 -12.91 14.92
C GLY A 271 -21.40 -13.46 13.81
N VAL A 272 -20.21 -13.90 14.21
CA VAL A 272 -19.25 -14.48 13.26
C VAL A 272 -19.81 -15.74 12.62
N ASP A 273 -20.66 -16.49 13.34
CA ASP A 273 -21.13 -17.76 12.79
C ASP A 273 -22.02 -17.52 11.56
N ALA A 274 -23.09 -16.75 11.74
CA ALA A 274 -24.03 -16.54 10.64
C ALA A 274 -23.37 -15.87 9.45
N THR A 275 -22.37 -15.01 9.69
CA THR A 275 -21.81 -14.23 8.61
C THR A 275 -20.51 -14.81 8.05
N ILE A 276 -19.75 -15.57 8.84
CA ILE A 276 -18.41 -15.99 8.42
C ILE A 276 -18.21 -17.50 8.55
N LYS A 277 -18.34 -18.02 9.77
CA LYS A 277 -17.82 -19.36 10.05
C LYS A 277 -18.70 -20.48 9.50
N ASN A 278 -20.02 -20.26 9.38
CA ASN A 278 -20.89 -21.32 8.88
C ASN A 278 -20.53 -21.72 7.45
N GLU A 279 -20.30 -20.74 6.58
CA GLU A 279 -19.90 -21.07 5.22
C GLU A 279 -18.51 -21.68 5.19
N VAL A 280 -17.61 -21.22 6.05
CA VAL A 280 -16.29 -21.84 6.15
C VAL A 280 -16.42 -23.33 6.45
N ARG A 281 -17.18 -23.65 7.48
CA ARG A 281 -17.34 -25.06 7.92
C ARG A 281 -17.94 -25.89 6.78
N ARG A 282 -18.91 -25.35 6.07
CA ARG A 282 -19.52 -26.10 4.97
C ARG A 282 -18.48 -26.34 3.86
N ARG A 283 -17.63 -25.35 3.60
CA ARG A 283 -16.61 -25.50 2.53
C ARG A 283 -15.57 -26.50 3.01
N SER A 284 -15.19 -26.45 4.28
CA SER A 284 -14.19 -27.39 4.82
C SER A 284 -14.72 -28.82 4.75
N GLU A 285 -16.00 -29.04 5.09
CA GLU A 285 -16.61 -30.38 5.05
C GLU A 285 -16.63 -30.85 3.60
N THR A 286 -16.95 -29.95 2.69
CA THR A 286 -17.07 -30.36 1.28
C THR A 286 -15.74 -30.90 0.80
N ILE A 287 -14.64 -30.22 1.08
CA ILE A 287 -13.31 -30.71 0.63
C ILE A 287 -12.91 -31.98 1.39
N ASN A 288 -13.19 -32.06 2.68
CA ASN A 288 -12.79 -33.27 3.45
C ASN A 288 -13.51 -34.49 2.87
N ASP A 289 -14.79 -34.33 2.59
CA ASP A 289 -15.58 -35.45 2.03
C ASP A 289 -15.02 -35.81 0.65
N ALA A 290 -14.72 -34.82 -0.19
CA ALA A 290 -14.24 -35.11 -1.54
C ALA A 290 -12.90 -35.85 -1.50
N LEU A 291 -12.05 -35.52 -0.52
CA LEU A 291 -10.74 -36.13 -0.42
C LEU A 291 -10.74 -37.41 0.40
N ALA A 292 -11.81 -37.72 1.11
CA ALA A 292 -11.85 -38.92 1.91
C ALA A 292 -11.61 -40.14 1.02
N GLY A 293 -10.74 -41.03 1.50
CA GLY A 293 -10.46 -42.26 0.78
C GLY A 293 -9.64 -42.09 -0.49
N THR A 294 -8.99 -40.95 -0.69
CA THR A 294 -8.13 -40.75 -1.85
C THR A 294 -6.66 -40.97 -1.54
N GLY A 295 -6.28 -41.07 -0.26
CA GLY A 295 -4.91 -41.11 0.14
C GLY A 295 -4.36 -39.77 0.63
N LEU A 296 -4.88 -38.67 0.09
CA LEU A 296 -4.42 -37.34 0.56
C LEU A 296 -4.95 -37.17 1.97
N LYS A 297 -4.13 -36.75 2.91
CA LYS A 297 -4.61 -36.63 4.29
C LYS A 297 -4.74 -35.15 4.69
N VAL A 298 -5.97 -34.69 4.89
CA VAL A 298 -6.18 -33.28 5.33
C VAL A 298 -5.57 -33.14 6.71
N PHE A 299 -4.77 -32.10 6.92
CA PHE A 299 -4.17 -31.81 8.22
C PHE A 299 -5.26 -31.40 9.21
N ASP A 300 -5.32 -32.14 10.31
CA ASP A 300 -6.36 -31.89 11.33
C ASP A 300 -5.83 -32.29 12.70
N ASN A 301 -6.32 -31.63 13.71
CA ASN A 301 -5.94 -31.94 15.10
C ASN A 301 -7.02 -31.39 16.02
N ASP A 302 -6.99 -31.79 17.28
CA ASP A 302 -8.00 -31.33 18.27
C ASP A 302 -8.15 -29.85 18.79
N GLU A 303 -6.98 -29.21 18.66
CA GLU A 303 -6.75 -27.82 19.13
C GLU A 303 -6.67 -26.76 18.03
N LYS A 304 -6.76 -27.11 16.75
CA LYS A 304 -6.58 -26.06 15.72
C LYS A 304 -7.88 -25.38 15.38
N CYS A 305 -7.80 -24.11 15.01
CA CYS A 305 -8.98 -23.43 14.52
C CYS A 305 -9.12 -23.69 13.02
N GLN A 306 -10.30 -23.40 12.48
CA GLN A 306 -10.57 -23.71 11.07
C GLN A 306 -10.29 -22.46 10.22
N LEU A 307 -9.07 -22.38 9.70
CA LEU A 307 -8.73 -21.33 8.75
C LEU A 307 -9.57 -21.48 7.48
N PRO A 308 -9.71 -20.43 6.66
CA PRO A 308 -10.49 -20.52 5.42
C PRO A 308 -9.65 -21.20 4.33
N LEU A 309 -8.86 -22.13 4.79
CA LEU A 309 -7.75 -22.93 4.07
CA LEU A 309 -7.97 -22.99 3.95
C LEU A 309 -7.72 -24.47 4.42
N CYS A 310 -7.30 -25.24 3.43
CA CYS A 310 -7.09 -26.67 3.70
C CYS A 310 -5.64 -27.06 3.47
N TRP A 311 -4.97 -27.53 4.51
CA TRP A 311 -3.57 -27.95 4.45
C TRP A 311 -3.56 -29.48 4.30
N ILE A 312 -2.94 -29.98 3.22
CA ILE A 312 -3.13 -31.36 2.79
C ILE A 312 -1.79 -32.09 2.66
N ASP A 313 -1.69 -33.27 3.28
CA ASP A 313 -0.55 -34.16 3.12
C ASP A 313 -0.77 -35.06 1.90
N ILE A 314 0.20 -35.04 0.99
CA ILE A 314 0.16 -35.83 -0.24
C ILE A 314 1.26 -36.87 -0.28
N SER A 315 1.90 -37.14 0.86
CA SER A 315 3.04 -38.07 0.87
C SER A 315 2.64 -39.44 0.34
N ALA A 316 1.41 -39.89 0.62
CA ALA A 316 0.96 -41.18 0.11
C ALA A 316 0.82 -41.19 -1.41
N THR A 317 0.76 -40.01 -2.04
CA THR A 317 0.75 -39.95 -3.50
C THR A 317 2.10 -40.34 -4.09
N GLY A 318 3.16 -40.32 -3.28
CA GLY A 318 4.50 -40.47 -3.81
C GLY A 318 5.04 -39.25 -4.51
N TYR A 319 4.24 -38.20 -4.64
CA TYR A 319 4.62 -36.96 -5.29
C TYR A 319 5.14 -35.95 -4.27
N ASP A 320 6.02 -35.06 -4.73
CA ASP A 320 6.30 -33.87 -3.94
C ASP A 320 5.34 -32.76 -4.35
N ASP A 321 5.29 -31.72 -3.52
CA ASP A 321 4.24 -30.70 -3.67
C ASP A 321 4.29 -30.03 -5.05
N VAL A 322 5.48 -29.66 -5.52
CA VAL A 322 5.57 -28.95 -6.79
C VAL A 322 5.13 -29.84 -7.94
N SER A 323 5.58 -31.11 -7.94
CA SER A 323 5.20 -32.01 -9.03
C SER A 323 3.71 -32.31 -9.03
N PHE A 324 3.11 -32.55 -7.85
CA PHE A 324 1.68 -32.79 -7.78
C PHE A 324 0.89 -31.56 -8.23
N ALA A 325 1.32 -30.37 -7.79
CA ALA A 325 0.68 -29.13 -8.25
C ALA A 325 0.83 -28.95 -9.77
N ALA A 326 1.95 -29.41 -10.33
CA ALA A 326 2.10 -29.34 -11.79
C ALA A 326 1.08 -30.24 -12.49
N ARG A 327 0.91 -31.47 -11.99
CA ARG A 327 -0.05 -32.40 -12.60
C ARG A 327 -1.46 -31.87 -12.46
N LEU A 328 -1.80 -31.30 -11.30
CA LEU A 328 -3.13 -30.72 -11.11
C LEU A 328 -3.36 -29.54 -12.06
N LYS A 329 -2.31 -28.81 -12.37
CA LYS A 329 -2.40 -27.64 -13.28
C LYS A 329 -2.83 -28.12 -14.67
N GLU A 330 -2.55 -29.36 -15.02
CA GLU A 330 -3.00 -29.93 -16.32
C GLU A 330 -4.53 -29.99 -16.38
N HIS A 331 -5.19 -30.20 -15.25
CA HIS A 331 -6.66 -30.27 -15.13
C HIS A 331 -7.28 -28.90 -14.89
N ASP A 332 -6.52 -27.82 -14.99
CA ASP A 332 -7.05 -26.47 -14.80
C ASP A 332 -7.21 -26.09 -13.33
N ILE A 333 -6.41 -26.70 -12.46
CA ILE A 333 -6.56 -26.57 -11.01
C ILE A 333 -5.23 -26.08 -10.45
N ALA A 334 -5.26 -24.95 -9.74
CA ALA A 334 -4.07 -24.36 -9.16
C ALA A 334 -4.16 -24.46 -7.64
N VAL A 335 -3.15 -25.07 -7.03
CA VAL A 335 -3.01 -25.16 -5.58
C VAL A 335 -1.61 -24.68 -5.22
N LEU A 336 -1.39 -24.42 -3.92
CA LEU A 336 -0.12 -23.86 -3.46
C LEU A 336 0.78 -24.97 -2.97
N PRO A 337 1.98 -25.16 -3.52
CA PRO A 337 2.92 -26.11 -2.92
C PRO A 337 3.33 -25.60 -1.55
N GLY A 338 3.51 -26.53 -0.61
CA GLY A 338 3.59 -26.08 0.77
C GLY A 338 4.99 -25.78 1.29
N ARG A 339 6.03 -26.14 0.55
CA ARG A 339 7.38 -26.08 1.11
C ARG A 339 7.81 -24.64 1.42
N PHE A 340 7.27 -23.66 0.70
CA PHE A 340 7.69 -22.28 0.92
C PHE A 340 7.19 -21.73 2.24
N PHE A 341 6.16 -22.33 2.82
CA PHE A 341 5.76 -21.96 4.18
C PHE A 341 6.85 -22.31 5.19
N TYR A 342 7.71 -23.28 4.88
CA TYR A 342 8.84 -23.64 5.75
C TYR A 342 10.11 -22.93 5.25
N TRP A 343 10.10 -21.61 5.45
CA TRP A 343 11.01 -20.71 4.76
C TRP A 343 12.48 -20.93 5.11
N ASN A 344 12.77 -21.52 6.27
CA ASN A 344 14.14 -21.81 6.68
C ASN A 344 14.54 -23.25 6.40
N SER A 345 13.62 -24.08 5.91
CA SER A 345 13.87 -25.51 5.78
C SER A 345 13.06 -26.14 4.65
N LYS A 346 12.97 -25.46 3.50
CA LYS A 346 12.10 -25.91 2.42
C LYS A 346 12.35 -27.36 2.05
N SER A 347 13.63 -27.74 1.87
CA SER A 347 13.94 -29.07 1.35
C SER A 347 13.43 -30.19 2.24
N GLN A 348 13.13 -29.91 3.50
CA GLN A 348 12.69 -30.96 4.42
C GLN A 348 11.18 -30.98 4.64
N HIS A 349 10.40 -30.20 3.85
CA HIS A 349 8.95 -30.10 4.02
C HIS A 349 8.29 -29.99 2.65
N THR A 350 8.40 -31.03 1.84
CA THR A 350 7.94 -30.99 0.46
C THR A 350 6.67 -31.80 0.22
N GLN A 351 5.96 -32.19 1.28
CA GLN A 351 4.87 -33.15 1.16
C GLN A 351 3.48 -32.56 1.35
N PHE A 352 3.34 -31.23 1.39
CA PHE A 352 2.05 -30.59 1.60
C PHE A 352 1.65 -29.70 0.43
N ILE A 353 0.34 -29.59 0.20
CA ILE A 353 -0.21 -28.52 -0.61
C ILE A 353 -1.28 -27.80 0.21
N ARG A 354 -1.59 -26.58 -0.19
CA ARG A 354 -2.62 -25.77 0.43
C ARG A 354 -3.69 -25.44 -0.59
N VAL A 355 -4.95 -25.58 -0.18
CA VAL A 355 -6.10 -25.33 -1.04
C VAL A 355 -6.95 -24.26 -0.34
N SER A 356 -7.19 -23.15 -1.02
CA SER A 356 -7.91 -22.02 -0.43
C SER A 356 -9.41 -22.17 -0.64
N LEU A 357 -10.18 -21.86 0.40
CA LEU A 357 -11.65 -22.11 0.40
C LEU A 357 -12.47 -20.87 0.05
N MET A 358 -12.00 -19.69 0.38
CA MET A 358 -12.79 -18.47 0.06
CA MET A 358 -12.83 -18.53 0.04
C MET A 358 -12.77 -17.81 -1.37
N LYS A 359 -13.17 -18.70 -2.27
CA LYS A 359 -13.25 -18.39 -3.72
C LYS A 359 -14.69 -18.19 -4.15
N PRO A 360 -14.97 -17.56 -5.30
CA PRO A 360 -16.35 -17.40 -5.77
C PRO A 360 -17.11 -18.72 -5.68
N ASP A 361 -18.35 -18.66 -5.21
CA ASP A 361 -19.04 -19.86 -4.73
C ASP A 361 -19.12 -20.94 -5.80
N ALA A 362 -19.53 -20.57 -7.02
CA ALA A 362 -19.67 -21.56 -8.08
C ALA A 362 -18.32 -22.18 -8.45
N GLU A 363 -17.29 -21.34 -8.63
CA GLU A 363 -15.96 -21.88 -8.93
C GLU A 363 -15.50 -22.83 -7.83
N PHE A 364 -15.84 -22.54 -6.56
CA PHE A 364 -15.38 -23.40 -5.48
C PHE A 364 -16.01 -24.78 -5.56
N TYR A 365 -17.35 -24.85 -5.44
CA TYR A 365 -18.00 -26.15 -5.33
C TYR A 365 -17.79 -26.97 -6.60
N GLU A 366 -17.92 -26.34 -7.76
CA GLU A 366 -17.64 -27.04 -9.02
C GLU A 366 -16.17 -27.43 -9.10
N GLY A 367 -15.29 -26.56 -8.62
CA GLY A 367 -13.84 -26.82 -8.62
C GLY A 367 -13.49 -27.99 -7.74
N ILE A 368 -14.12 -28.12 -6.58
CA ILE A 368 -13.79 -29.26 -5.67
C ILE A 368 -14.16 -30.58 -6.36
N GLY A 369 -15.28 -30.62 -7.07
CA GLY A 369 -15.64 -31.83 -7.80
C GLY A 369 -14.60 -32.17 -8.84
N LYS A 370 -14.12 -31.16 -9.55
CA LYS A 370 -13.07 -31.34 -10.57
C LYS A 370 -11.78 -31.82 -9.90
N LEU A 371 -11.49 -31.32 -8.70
CA LEU A 371 -10.29 -31.74 -7.94
C LEU A 371 -10.37 -33.23 -7.58
N LYS A 372 -11.50 -33.70 -7.07
CA LYS A 372 -11.55 -35.13 -6.70
C LYS A 372 -11.36 -35.98 -7.95
N GLU A 373 -11.97 -35.60 -9.06
CA GLU A 373 -11.82 -36.35 -10.31
C GLU A 373 -10.37 -36.31 -10.76
N ALA A 374 -9.73 -35.14 -10.67
CA ALA A 374 -8.33 -34.99 -11.09
C ALA A 374 -7.44 -35.86 -10.21
N VAL A 375 -7.68 -35.86 -8.90
CA VAL A 375 -6.82 -36.64 -7.98
C VAL A 375 -6.97 -38.13 -8.25
N THR A 376 -8.18 -38.60 -8.49
CA THR A 376 -8.34 -40.02 -8.75
C THR A 376 -7.89 -40.42 -10.15
N ARG A 377 -7.93 -39.50 -11.11
CA ARG A 377 -7.42 -39.82 -12.47
C ARG A 377 -5.89 -39.87 -12.43
N ILE A 378 -5.26 -38.94 -11.74
CA ILE A 378 -3.79 -38.87 -11.62
C ILE A 378 -3.31 -40.12 -10.91
N LEU A 379 -4.01 -40.50 -9.86
CA LEU A 379 -3.65 -41.69 -9.04
C LEU A 379 -3.87 -43.00 -9.80
N GLU A 380 -4.90 -43.09 -10.63
CA GLU A 380 -5.15 -44.34 -11.37
C GLU A 380 -4.00 -44.63 -12.33
N LYS A 381 -3.44 -43.60 -12.96
CA LYS A 381 -2.30 -43.76 -13.90
C LYS A 381 -0.98 -43.72 -13.11
N ASP B 4 10.89 20.03 18.70
CA ASP B 4 10.69 21.42 18.26
C ASP B 4 10.76 21.53 16.74
N ARG B 5 11.54 20.67 16.09
CA ARG B 5 11.63 20.71 14.62
C ARG B 5 10.61 19.74 14.02
N TYR B 6 10.20 19.96 12.79
CA TYR B 6 9.28 18.98 12.15
C TYR B 6 10.14 17.90 11.51
N ASP B 7 9.70 16.65 11.58
CA ASP B 7 10.46 15.55 10.99
C ASP B 7 10.33 15.50 9.47
N SER B 8 9.21 15.98 8.94
CA SER B 8 8.86 15.70 7.55
C SER B 8 7.68 16.58 7.19
N LEU B 9 7.48 16.75 5.88
CA LEU B 9 6.25 17.36 5.39
C LEU B 9 5.00 16.59 5.81
N THR B 10 5.10 15.25 5.81
CA THR B 10 3.91 14.45 6.13
C THR B 10 3.46 14.71 7.56
N GLU B 11 4.39 14.91 8.49
CA GLU B 11 4.01 15.31 9.83
C GLU B 11 3.17 16.59 9.83
N VAL B 12 3.59 17.59 9.04
CA VAL B 12 2.80 18.83 8.95
C VAL B 12 1.43 18.56 8.35
N GLU B 13 1.39 17.72 7.30
CA GLU B 13 0.14 17.37 6.64
C GLU B 13 -0.83 16.69 7.60
N VAL B 14 -0.31 15.74 8.37
CA VAL B 14 -1.11 15.05 9.38
C VAL B 14 -1.63 16.03 10.44
N GLU B 15 -0.76 16.95 10.88
CA GLU B 15 -1.25 17.99 11.77
C GLU B 15 -2.34 18.83 11.11
N GLY B 16 -2.17 19.13 9.82
CA GLY B 16 -3.14 19.94 9.10
C GLY B 16 -4.52 19.31 9.01
N LEU B 17 -4.60 17.98 9.09
CA LEU B 17 -5.87 17.27 9.01
C LEU B 17 -6.86 17.71 10.09
N SER B 18 -6.37 18.32 11.16
CA SER B 18 -7.21 18.73 12.29
C SER B 18 -7.60 20.19 12.25
N TYR B 19 -7.24 20.91 11.19
CA TYR B 19 -7.49 22.34 11.13
C TYR B 19 -8.68 22.62 10.22
N LEU B 20 -9.40 23.69 10.56
CA LEU B 20 -10.63 24.02 9.88
C LEU B 20 -10.42 24.25 8.39
N TYR B 21 -9.35 24.98 8.03
CA TYR B 21 -8.98 25.23 6.63
C TYR B 21 -7.62 24.60 6.38
N ASN B 22 -7.63 23.39 5.85
CA ASN B 22 -6.41 22.62 5.65
C ASN B 22 -5.97 22.76 4.21
N PHE B 23 -4.90 23.51 3.98
CA PHE B 23 -4.26 23.61 2.67
C PHE B 23 -2.90 22.91 2.62
N ALA B 24 -2.68 21.92 3.50
CA ALA B 24 -1.35 21.32 3.62
C ALA B 24 -1.11 20.23 2.56
N ASP B 25 -1.63 19.03 2.76
CA ASP B 25 -1.36 17.98 1.79
C ASP B 25 -2.00 18.31 0.44
N GLY B 26 -1.45 17.72 -0.62
CA GLY B 26 -1.86 17.99 -1.97
C GLY B 26 -2.79 16.97 -2.58
N HIS B 27 -3.27 16.00 -1.82
CA HIS B 27 -4.12 14.94 -2.37
C HIS B 27 -5.44 15.53 -2.86
N ALA B 28 -6.01 14.88 -3.88
CA ALA B 28 -7.21 15.42 -4.53
C ALA B 28 -8.42 15.14 -3.66
N TYR B 29 -8.97 16.20 -3.08
CA TYR B 29 -10.14 16.06 -2.22
C TYR B 29 -11.27 17.01 -2.62
N HIS B 30 -11.26 17.49 -3.86
CA HIS B 30 -12.33 18.40 -4.28
C HIS B 30 -13.61 17.63 -4.57
N ASP B 31 -14.71 18.38 -4.67
CA ASP B 31 -16.02 17.79 -4.89
C ASP B 31 -16.13 17.17 -6.28
N ILE B 32 -16.92 16.09 -6.36
CA ILE B 32 -17.23 15.41 -7.62
C ILE B 32 -17.98 16.35 -8.56
N ASN B 33 -17.41 16.62 -9.73
CA ASN B 33 -18.02 17.57 -10.65
C ASN B 33 -19.12 16.89 -11.47
N GLU B 34 -19.76 17.68 -12.33
CA GLU B 34 -20.93 17.22 -13.09
C GLU B 34 -20.61 16.00 -13.94
N HIS B 35 -19.39 15.90 -14.48
CA HIS B 35 -19.09 14.79 -15.38
C HIS B 35 -18.79 13.50 -14.64
N TYR B 36 -18.33 13.58 -13.40
CA TYR B 36 -17.99 12.41 -12.61
C TYR B 36 -19.14 11.91 -11.74
N VAL B 37 -20.20 12.71 -11.56
CA VAL B 37 -21.27 12.33 -10.64
C VAL B 37 -21.92 11.02 -11.06
N ASP B 38 -22.02 10.75 -12.37
CA ASP B 38 -22.64 9.50 -12.81
C ASP B 38 -21.82 8.29 -12.38
N ILE B 39 -20.51 8.45 -12.21
CA ILE B 39 -19.71 7.34 -11.70
C ILE B 39 -20.14 6.99 -10.28
N ILE B 40 -20.28 8.02 -9.43
CA ILE B 40 -20.72 7.77 -8.05
C ILE B 40 -22.15 7.24 -8.01
N ASN B 41 -23.03 7.73 -8.91
CA ASN B 41 -24.36 7.16 -8.97
C ASN B 41 -24.35 5.68 -9.38
N ASN B 42 -23.27 5.21 -9.99
CA ASN B 42 -23.20 3.86 -10.50
C ASN B 42 -22.03 3.09 -9.89
N LEU B 43 -21.77 3.30 -8.60
CA LEU B 43 -20.70 2.54 -7.95
C LEU B 43 -20.91 1.03 -8.08
N GLN B 44 -22.17 0.58 -8.02
CA GLN B 44 -22.45 -0.85 -8.14
C GLN B 44 -21.99 -1.39 -9.49
N ARG B 45 -22.09 -0.60 -10.56
CA ARG B 45 -21.65 -1.05 -11.87
C ARG B 45 -20.14 -1.34 -11.89
N TYR B 46 -19.36 -0.55 -11.16
CA TYR B 46 -17.92 -0.76 -11.16
C TYR B 46 -17.53 -1.84 -10.15
N TRP B 47 -18.28 -1.97 -9.06
CA TRP B 47 -18.13 -3.16 -8.21
C TRP B 47 -18.32 -4.42 -9.02
N GLN B 48 -19.39 -4.46 -9.80
CA GLN B 48 -19.73 -5.65 -10.64
C GLN B 48 -18.67 -5.91 -11.70
N GLU B 49 -18.14 -4.86 -12.32
CA GLU B 49 -17.10 -4.99 -13.38
C GLU B 49 -15.87 -5.65 -12.77
N GLY B 50 -15.49 -5.28 -11.56
CA GLY B 50 -14.35 -5.90 -10.87
C GLY B 50 -14.58 -7.37 -10.58
N LYS B 51 -15.79 -7.72 -10.18
CA LYS B 51 -16.19 -9.11 -9.86
C LYS B 51 -16.16 -9.95 -11.14
N ASP B 52 -16.52 -9.36 -12.26
CA ASP B 52 -16.69 -10.11 -13.53
C ASP B 52 -15.43 -10.19 -14.38
N HIS B 53 -14.32 -9.63 -13.93
CA HIS B 53 -13.10 -9.70 -14.78
C HIS B 53 -11.92 -10.21 -13.95
N SER B 54 -10.99 -10.89 -14.60
CA SER B 54 -9.84 -11.40 -13.86
C SER B 54 -8.94 -10.24 -13.44
N ILE B 55 -8.14 -10.49 -12.41
CA ILE B 55 -7.17 -9.49 -11.99
C ILE B 55 -6.25 -9.12 -13.13
N PRO B 56 -5.63 -10.06 -13.87
CA PRO B 56 -4.80 -9.65 -15.01
C PRO B 56 -5.56 -8.84 -16.06
N ASP B 57 -6.79 -9.23 -16.40
CA ASP B 57 -7.52 -8.46 -17.41
C ASP B 57 -7.80 -7.04 -16.91
N MET B 58 -8.16 -6.88 -15.63
CA MET B 58 -8.44 -5.54 -15.12
C MET B 58 -7.18 -4.68 -15.07
N GLU B 59 -6.03 -5.29 -14.75
CA GLU B 59 -4.77 -4.54 -14.76
C GLU B 59 -4.48 -3.98 -16.14
N LYS B 60 -4.62 -4.82 -17.16
CA LYS B 60 -4.36 -4.35 -18.52
C LYS B 60 -5.43 -3.37 -18.99
N ALA B 61 -6.68 -3.56 -18.55
CA ALA B 61 -7.75 -2.63 -18.94
C ALA B 61 -7.45 -1.23 -18.43
N PHE B 62 -7.07 -1.08 -17.15
CA PHE B 62 -6.75 0.24 -16.63
C PHE B 62 -5.53 0.81 -17.33
N LYS B 63 -4.48 0.01 -17.47
CA LYS B 63 -3.27 0.48 -18.15
C LYS B 63 -3.59 1.00 -19.54
N ASN B 64 -4.39 0.25 -20.29
CA ASN B 64 -4.70 0.64 -21.68
C ASN B 64 -5.64 1.84 -21.73
N GLN B 65 -6.59 1.93 -20.79
CA GLN B 65 -7.42 3.13 -20.73
C GLN B 65 -6.54 4.36 -20.50
N PHE B 66 -5.59 4.27 -19.56
CA PHE B 66 -4.66 5.36 -19.34
C PHE B 66 -3.81 5.63 -20.57
N ALA B 67 -3.35 4.57 -21.25
CA ALA B 67 -2.52 4.77 -22.45
C ALA B 67 -3.28 5.50 -23.54
N GLU B 68 -4.59 5.24 -23.66
CA GLU B 68 -5.42 5.99 -24.60
C GLU B 68 -5.58 7.44 -24.15
N LEU B 69 -5.72 7.67 -22.85
CA LEU B 69 -5.85 9.04 -22.34
C LEU B 69 -4.61 9.85 -22.72
N ILE B 70 -3.42 9.31 -22.48
CA ILE B 70 -2.19 10.05 -22.75
C ILE B 70 -1.67 9.83 -24.16
N ASP B 71 -2.40 9.07 -25.00
CA ASP B 71 -2.04 8.85 -26.40
C ASP B 71 -0.62 8.27 -26.55
N SER B 72 -0.41 7.17 -25.84
CA SER B 72 0.91 6.51 -25.92
C SER B 72 0.70 5.08 -26.40
N SER B 73 1.13 4.79 -27.63
CA SER B 73 1.12 3.40 -28.21
CA SER B 73 1.00 3.35 -28.16
C SER B 73 2.02 2.29 -27.57
N THR B 74 3.10 2.93 -27.14
CA THR B 74 4.19 2.29 -26.38
C THR B 74 3.62 1.82 -25.04
N LEU B 75 2.85 2.67 -24.34
CA LEU B 75 2.33 2.14 -23.07
C LEU B 75 1.27 1.09 -23.33
N HIS B 76 0.44 1.31 -24.35
CA HIS B 76 -0.61 0.35 -24.67
C HIS B 76 -0.03 -1.02 -25.01
N SER B 77 1.13 -1.05 -25.66
CA SER B 77 1.67 -2.34 -26.10
C SER B 77 2.50 -3.05 -25.04
N THR B 78 2.95 -2.38 -23.98
CA THR B 78 3.87 -3.04 -23.05
C THR B 78 3.12 -3.85 -22.00
N ASN B 79 3.69 -4.99 -21.63
CA ASN B 79 3.22 -5.79 -20.50
C ASN B 79 4.22 -5.79 -19.35
N HIS B 80 5.24 -4.93 -19.40
CA HIS B 80 6.21 -4.79 -18.31
C HIS B 80 5.74 -3.70 -17.35
N PHE B 81 4.78 -4.07 -16.50
CA PHE B 81 4.25 -3.12 -15.51
C PHE B 81 3.64 -3.88 -14.34
N SER B 82 3.56 -3.19 -13.20
CA SER B 82 2.80 -3.66 -12.04
C SER B 82 1.89 -2.54 -11.54
N VAL B 83 0.95 -2.91 -10.69
CA VAL B 83 -0.09 -1.97 -10.22
C VAL B 83 -0.05 -1.91 -8.70
N CYS B 84 0.31 -0.71 -8.14
CA CYS B 84 0.39 -0.51 -6.71
C CYS B 84 -0.82 0.27 -6.19
N PRO B 85 -1.19 0.09 -4.92
CA PRO B 85 -2.29 0.89 -4.36
C PRO B 85 -1.95 2.36 -4.16
N THR B 86 -0.67 2.74 -4.07
CA THR B 86 -0.27 4.14 -3.95
C THR B 86 1.02 4.35 -4.71
N ALA B 87 1.28 5.62 -5.08
CA ALA B 87 2.50 5.95 -5.80
C ALA B 87 3.74 5.87 -4.89
N SER B 88 3.58 6.15 -3.60
CA SER B 88 4.70 6.00 -2.67
C SER B 88 5.12 4.54 -2.59
N ASN B 89 4.18 3.60 -2.68
CA ASN B 89 4.54 2.18 -2.74
C ASN B 89 5.37 1.89 -3.98
N SER B 90 5.01 2.51 -5.11
CA SER B 90 5.81 2.31 -6.31
C SER B 90 7.23 2.87 -6.09
N ILE B 91 7.32 4.06 -5.49
CA ILE B 91 8.63 4.67 -5.22
C ILE B 91 9.45 3.79 -4.29
N ASP B 92 8.83 3.26 -3.25
CA ASP B 92 9.54 2.42 -2.29
C ASP B 92 10.11 1.17 -2.97
N ILE B 93 9.37 0.60 -3.92
CA ILE B 93 9.87 -0.56 -4.65
C ILE B 93 11.06 -0.16 -5.53
N VAL B 94 10.97 1.00 -6.18
CA VAL B 94 12.10 1.47 -6.96
C VAL B 94 13.30 1.72 -6.07
N ALA B 95 13.07 2.27 -4.87
CA ALA B 95 14.18 2.49 -3.95
C ALA B 95 14.82 1.17 -3.54
N ALA B 96 14.00 0.14 -3.29
CA ALA B 96 14.54 -1.20 -3.02
C ALA B 96 15.36 -1.72 -4.18
N TRP B 97 14.89 -1.48 -5.40
CA TRP B 97 15.62 -1.93 -6.59
C TRP B 97 16.96 -1.23 -6.68
N LEU B 98 16.97 0.09 -6.49
CA LEU B 98 18.21 0.85 -6.58
C LEU B 98 19.22 0.37 -5.54
N HIS B 99 18.77 0.09 -4.31
CA HIS B 99 19.72 -0.42 -3.31
C HIS B 99 20.23 -1.80 -3.69
N LYS B 100 19.34 -2.68 -4.15
CA LYS B 100 19.74 -4.03 -4.52
C LYS B 100 20.74 -4.03 -5.66
N GLU B 101 20.56 -3.15 -6.64
CA GLU B 101 21.47 -3.10 -7.78
C GLU B 101 22.65 -2.14 -7.56
N ASN B 102 22.87 -1.67 -6.33
CA ASN B 102 24.01 -0.81 -6.01
C ASN B 102 24.07 0.45 -6.90
N LYS B 103 22.94 1.13 -7.07
CA LYS B 103 22.84 2.26 -8.00
C LYS B 103 22.97 3.57 -7.24
N ARG B 104 24.08 4.28 -7.43
CA ARG B 104 24.22 5.63 -6.90
C ARG B 104 23.26 6.55 -7.63
N THR B 105 22.37 7.20 -6.88
CA THR B 105 21.22 7.88 -7.45
C THR B 105 21.29 9.37 -7.16
N ALA B 106 21.20 10.18 -8.20
CA ALA B 106 20.98 11.61 -8.08
C ALA B 106 19.47 11.88 -8.09
N LEU B 107 19.00 12.57 -7.06
CA LEU B 107 17.56 12.85 -6.88
C LEU B 107 17.30 14.34 -7.09
N ILE B 108 16.22 14.64 -7.81
CA ILE B 108 15.89 16.04 -8.10
C ILE B 108 15.68 16.83 -6.81
N GLU B 109 16.10 18.10 -6.82
CA GLU B 109 15.90 19.04 -5.74
C GLU B 109 15.42 20.36 -6.34
N PRO B 110 14.29 20.90 -5.90
CA PRO B 110 13.41 20.40 -4.84
C PRO B 110 12.63 19.13 -5.22
N ALA B 111 12.06 18.47 -4.22
CA ALA B 111 11.22 17.29 -4.40
C ALA B 111 10.34 17.13 -3.17
N PHE B 112 9.15 16.56 -3.33
CA PHE B 112 8.40 16.20 -2.15
C PHE B 112 9.25 15.25 -1.31
N ASP B 113 9.33 15.50 -0.01
CA ASP B 113 10.49 14.98 0.72
C ASP B 113 10.41 13.50 1.03
N ASN B 114 9.22 12.87 1.00
CA ASN B 114 9.26 11.44 1.27
C ASN B 114 9.92 10.63 0.15
N LEU B 115 10.15 11.22 -1.02
CA LEU B 115 11.01 10.58 -2.02
C LEU B 115 12.42 10.41 -1.48
N TYR B 116 13.00 11.50 -0.97
CA TYR B 116 14.30 11.43 -0.32
C TYR B 116 14.25 10.45 0.86
N LEU B 117 13.23 10.57 1.71
CA LEU B 117 13.19 9.75 2.92
C LEU B 117 13.13 8.27 2.60
N LEU B 118 12.33 7.90 1.59
CA LEU B 118 12.19 6.50 1.20
C LEU B 118 13.46 5.94 0.57
N LEU B 119 14.12 6.73 -0.29
CA LEU B 119 15.41 6.31 -0.82
C LEU B 119 16.43 6.14 0.29
N LYS B 120 16.43 7.08 1.24
CA LYS B 120 17.38 6.99 2.34
C LYS B 120 17.09 5.79 3.22
N ARG B 121 15.81 5.51 3.47
CA ARG B 121 15.48 4.38 4.34
C ARG B 121 15.88 3.06 3.69
N ARG B 122 15.84 2.97 2.37
CA ARG B 122 16.26 1.77 1.68
C ARG B 122 17.78 1.66 1.54
N GLY B 123 18.54 2.64 2.04
CA GLY B 123 19.98 2.58 1.95
C GLY B 123 20.57 2.99 0.62
N VAL B 124 19.83 3.76 -0.19
CA VAL B 124 20.37 4.22 -1.47
C VAL B 124 21.41 5.31 -1.24
N ASP B 125 22.48 5.27 -2.03
CA ASP B 125 23.51 6.32 -2.04
C ASP B 125 22.99 7.49 -2.86
N ILE B 126 22.55 8.56 -2.17
CA ILE B 126 21.81 9.66 -2.77
C ILE B 126 22.69 10.89 -2.93
N SER B 127 22.62 11.54 -4.09
CA SER B 127 23.15 12.87 -4.29
C SER B 127 22.05 13.77 -4.83
N ALA B 128 22.22 15.07 -4.66
CA ALA B 128 21.22 16.04 -5.07
C ALA B 128 21.54 16.55 -6.46
N PHE B 129 20.50 16.87 -7.23
CA PHE B 129 20.77 17.53 -8.50
C PHE B 129 19.67 18.55 -8.80
N ASP B 130 20.12 19.75 -9.17
CA ASP B 130 19.28 20.90 -9.43
C ASP B 130 18.24 20.59 -10.50
N GLU B 131 16.96 20.79 -10.16
CA GLU B 131 15.90 20.66 -11.15
C GLU B 131 16.20 21.49 -12.41
N LEU B 132 16.84 22.65 -12.26
CA LEU B 132 17.08 23.52 -13.41
C LEU B 132 18.13 22.96 -14.36
N ALA B 133 18.83 21.89 -13.96
CA ALA B 133 19.74 21.21 -14.87
C ALA B 133 19.01 20.53 -16.01
N LEU B 134 17.71 20.29 -15.85
CA LEU B 134 16.90 19.67 -16.89
C LEU B 134 16.55 20.65 -18.00
N LYS B 135 16.80 21.95 -17.80
CA LYS B 135 16.53 22.97 -18.81
C LYS B 135 17.83 23.68 -19.22
N ASN B 136 18.97 23.08 -18.91
CA ASN B 136 20.29 23.62 -19.27
C ASN B 136 21.21 22.47 -19.63
N GLU B 137 21.55 22.35 -20.92
CA GLU B 137 22.14 21.11 -21.42
C GLU B 137 23.53 20.86 -20.85
N HIS B 138 24.33 21.92 -20.65
CA HIS B 138 25.68 21.71 -20.15
C HIS B 138 25.71 21.44 -18.65
N GLN B 139 24.73 21.97 -17.91
CA GLN B 139 24.65 21.60 -16.47
C GLN B 139 24.33 20.10 -16.38
N LEU B 140 23.40 19.62 -17.19
CA LEU B 140 22.99 18.19 -17.17
C LEU B 140 24.16 17.32 -17.61
N ALA B 141 24.91 17.77 -18.61
CA ALA B 141 26.04 16.99 -19.17
C ALA B 141 27.08 16.76 -18.09
N GLN B 142 27.36 17.78 -17.29
CA GLN B 142 28.41 17.64 -16.26
C GLN B 142 28.00 16.57 -15.27
N ILE B 143 26.74 16.62 -14.83
CA ILE B 143 26.25 15.67 -13.80
C ILE B 143 26.29 14.24 -14.34
N VAL B 144 25.80 14.02 -15.54
CA VAL B 144 25.73 12.64 -16.12
C VAL B 144 27.12 12.09 -16.44
N SER B 145 28.04 12.91 -16.89
CA SER B 145 29.39 12.40 -17.28
C SER B 145 30.34 12.38 -16.08
N SER B 146 29.88 12.74 -14.90
CA SER B 146 30.72 12.79 -13.68
C SER B 146 31.27 11.41 -13.31
N GLY B 147 30.61 10.34 -13.73
CA GLY B 147 31.00 9.04 -13.24
C GLY B 147 30.68 8.79 -11.79
N ASP B 148 29.87 9.65 -11.15
CA ASP B 148 29.52 9.50 -9.76
C ASP B 148 28.10 8.99 -9.53
N ILE B 149 27.30 8.88 -10.58
CA ILE B 149 25.95 8.35 -10.45
C ILE B 149 25.72 7.27 -11.49
N ASP B 150 24.79 6.36 -11.17
CA ASP B 150 24.33 5.33 -12.08
C ASP B 150 22.85 5.44 -12.39
N ALA B 151 22.14 6.32 -11.70
CA ALA B 151 20.71 6.45 -11.88
C ALA B 151 20.33 7.88 -11.53
N LEU B 152 19.23 8.32 -12.12
CA LEU B 152 18.75 9.69 -12.02
C LEU B 152 17.26 9.66 -11.69
N PHE B 153 16.87 10.20 -10.55
CA PHE B 153 15.49 10.15 -10.09
C PHE B 153 14.85 11.54 -10.26
N LEU B 154 13.85 11.61 -11.13
CA LEU B 154 13.21 12.84 -11.56
C LEU B 154 11.73 12.83 -11.24
N VAL B 155 11.19 14.04 -11.03
CA VAL B 155 9.75 14.27 -10.93
C VAL B 155 9.38 15.25 -12.04
N ASN B 156 8.50 14.80 -12.94
CA ASN B 156 8.13 15.64 -14.08
C ASN B 156 6.63 15.59 -14.36
N PRO B 157 5.92 16.74 -14.34
CA PRO B 157 6.45 18.04 -13.85
C PRO B 157 6.77 18.03 -12.34
N ASN B 158 7.66 18.93 -11.89
CA ASN B 158 8.18 18.84 -10.54
C ASN B 158 7.24 19.55 -9.55
N ASN B 159 7.20 19.00 -8.35
CA ASN B 159 6.46 19.51 -7.19
C ASN B 159 7.47 20.15 -6.24
N PRO B 160 7.37 21.44 -5.89
CA PRO B 160 6.24 22.35 -6.06
C PRO B 160 6.39 23.45 -7.12
N THR B 161 7.43 23.39 -7.96
CA THR B 161 7.74 24.49 -8.85
C THR B 161 6.96 24.44 -10.16
N GLY B 162 6.38 23.30 -10.51
CA GLY B 162 5.76 23.21 -11.81
C GLY B 162 6.73 23.16 -12.96
N LEU B 163 8.03 22.99 -12.70
CA LEU B 163 8.98 22.84 -13.80
C LEU B 163 8.62 21.61 -14.63
N GLU B 164 8.67 21.75 -15.95
CA GLU B 164 8.23 20.68 -16.84
C GLU B 164 9.17 20.62 -18.04
N MET B 165 9.59 19.41 -18.40
CA MET B 165 10.50 19.25 -19.52
C MET B 165 9.77 19.41 -20.85
N THR B 166 10.33 20.22 -21.74
CA THR B 166 9.91 20.21 -23.14
C THR B 166 10.29 18.88 -23.78
N GLU B 167 9.73 18.61 -24.96
CA GLU B 167 10.09 17.38 -25.67
C GLU B 167 11.59 17.35 -26.00
N SER B 168 12.15 18.45 -26.46
CA SER B 168 13.57 18.44 -26.77
C SER B 168 14.42 18.29 -25.50
N GLU B 169 13.97 18.87 -24.37
CA GLU B 169 14.71 18.68 -23.12
C GLU B 169 14.70 17.22 -22.69
N PHE B 170 13.57 16.53 -22.90
CA PHE B 170 13.49 15.12 -22.54
C PHE B 170 14.33 14.26 -23.48
N VAL B 171 14.26 14.52 -24.79
CA VAL B 171 15.08 13.77 -25.74
C VAL B 171 16.55 13.87 -25.36
N TYR B 172 17.00 15.07 -25.07
CA TYR B 172 18.40 15.33 -24.68
C TYR B 172 18.72 14.59 -23.39
N LEU B 173 17.83 14.64 -22.41
CA LEU B 173 18.04 13.94 -21.12
C LEU B 173 18.23 12.44 -21.39
N VAL B 174 17.35 11.84 -22.16
CA VAL B 174 17.46 10.38 -22.44
C VAL B 174 18.74 10.11 -23.23
N GLU B 175 19.08 10.96 -24.18
CA GLU B 175 20.32 10.72 -24.98
C GLU B 175 21.52 10.69 -24.05
N GLN B 176 21.61 11.66 -23.16
CA GLN B 176 22.73 11.74 -22.21
C GLN B 176 22.74 10.50 -21.30
N CYS B 177 21.58 10.09 -20.79
CA CYS B 177 21.52 8.92 -19.89
C CYS B 177 21.97 7.66 -20.63
N LYS B 178 21.53 7.48 -21.85
CA LYS B 178 21.96 6.31 -22.65
C LYS B 178 23.46 6.32 -22.86
N ALA B 179 24.04 7.50 -23.07
CA ALA B 179 25.48 7.60 -23.33
C ALA B 179 26.25 7.10 -22.12
N HIS B 180 25.80 7.43 -20.92
CA HIS B 180 26.54 7.03 -19.70
C HIS B 180 25.93 5.82 -18.98
N ASN B 181 25.01 5.10 -19.62
CA ASN B 181 24.36 3.89 -19.03
C ASN B 181 23.68 4.22 -17.71
N ILE B 182 23.00 5.37 -17.65
CA ILE B 182 22.28 5.84 -16.44
C ILE B 182 20.82 5.38 -16.52
N THR B 183 20.30 4.84 -15.43
CA THR B 183 18.88 4.40 -15.37
C THR B 183 18.01 5.61 -15.05
N ILE B 184 16.87 5.73 -15.70
CA ILE B 184 15.99 6.90 -15.44
C ILE B 184 14.78 6.46 -14.62
N LEU B 185 14.56 7.13 -13.49
CA LEU B 185 13.35 6.90 -12.67
C LEU B 185 12.53 8.18 -12.82
N LEU B 186 11.30 8.02 -13.31
CA LEU B 186 10.45 9.17 -13.64
C LEU B 186 9.15 9.14 -12.84
N ASP B 187 8.98 10.10 -11.94
CA ASP B 187 7.73 10.20 -11.16
C ASP B 187 6.80 11.15 -11.93
N ARG B 188 5.79 10.59 -12.57
CA ARG B 188 4.88 11.35 -13.42
C ARG B 188 3.56 11.64 -12.71
N THR B 189 3.60 11.81 -11.39
CA THR B 189 2.37 11.95 -10.62
C THR B 189 1.51 13.10 -11.14
N PHE B 190 2.13 14.21 -11.55
CA PHE B 190 1.42 15.41 -11.98
C PHE B 190 1.29 15.52 -13.49
N ARG B 191 1.33 14.37 -14.20
CA ARG B 191 1.37 14.36 -15.65
C ARG B 191 0.21 15.13 -16.27
N ILE B 192 -1.01 14.89 -15.77
CA ILE B 192 -2.17 15.45 -16.45
C ILE B 192 -2.20 16.98 -16.36
N TYR B 193 -1.47 17.57 -15.40
CA TYR B 193 -1.40 19.02 -15.31
C TYR B 193 -0.38 19.62 -16.27
N GLY B 194 0.44 18.80 -16.92
CA GLY B 194 1.48 19.33 -17.79
C GLY B 194 0.92 20.01 -19.02
N LYS B 195 1.67 21.00 -19.52
CA LYS B 195 1.32 21.69 -20.76
C LYS B 195 1.74 20.93 -22.00
N THR B 196 2.71 20.03 -21.89
CA THR B 196 3.23 19.26 -23.02
C THR B 196 2.35 18.05 -23.31
N ASN B 197 2.42 17.57 -24.55
CA ASN B 197 1.74 16.33 -24.94
C ASN B 197 2.61 15.63 -25.99
N PHE B 198 3.67 15.01 -25.51
CA PHE B 198 4.52 14.15 -26.34
C PHE B 198 4.62 12.78 -25.71
N ASP B 199 5.06 11.79 -26.50
CA ASP B 199 5.03 10.40 -26.04
C ASP B 199 6.34 10.06 -25.36
N ASP B 200 6.40 10.25 -24.03
CA ASP B 200 7.65 9.98 -23.32
C ASP B 200 7.95 8.48 -23.23
N TYR B 201 6.92 7.63 -23.21
CA TYR B 201 7.16 6.19 -23.21
C TYR B 201 7.87 5.74 -24.49
N GLN B 202 7.45 6.28 -25.63
CA GLN B 202 8.11 5.92 -26.89
C GLN B 202 9.58 6.35 -26.88
N ILE B 203 9.85 7.59 -26.45
CA ILE B 203 11.22 8.07 -26.40
C ILE B 203 12.09 7.17 -25.52
N LEU B 204 11.55 6.74 -24.37
CA LEU B 204 12.30 5.90 -23.46
C LEU B 204 12.55 4.50 -24.04
N GLU B 205 11.51 3.87 -24.59
CA GLU B 205 11.65 2.47 -25.02
C GLU B 205 12.55 2.36 -26.24
N GLN B 206 12.46 3.31 -27.17
CA GLN B 206 13.27 3.23 -28.37
C GLN B 206 14.72 3.59 -28.11
N SER B 207 14.98 4.29 -27.01
CA SER B 207 16.37 4.58 -26.61
C SER B 207 17.05 3.28 -26.18
N GLY B 208 16.27 2.36 -25.65
CA GLY B 208 16.81 1.09 -25.14
C GLY B 208 17.36 1.21 -23.73
N ILE B 209 17.27 2.36 -23.09
CA ILE B 209 17.82 2.52 -21.71
C ILE B 209 16.89 1.89 -20.68
N ASP B 210 17.43 1.60 -19.52
CA ASP B 210 16.65 1.06 -18.38
C ASP B 210 15.87 2.20 -17.74
N TYR B 211 14.62 1.94 -17.35
CA TYR B 211 13.84 3.01 -16.70
C TYR B 211 12.68 2.46 -15.88
N VAL B 212 12.20 3.28 -14.97
CA VAL B 212 10.89 3.06 -14.34
C VAL B 212 10.12 4.36 -14.44
N VAL B 213 8.86 4.27 -14.86
CA VAL B 213 7.94 5.39 -14.86
C VAL B 213 6.86 5.10 -13.83
N ILE B 214 6.53 6.09 -13.01
CA ILE B 214 5.50 5.93 -11.98
C ILE B 214 4.35 6.88 -12.30
N GLU B 215 3.16 6.35 -12.44
CA GLU B 215 1.94 7.14 -12.62
C GLU B 215 1.14 7.13 -11.31
N ASP B 216 0.13 8.00 -11.23
CA ASP B 216 -0.67 8.08 -10.01
C ASP B 216 -2.03 8.70 -10.32
N THR B 217 -3.04 8.33 -9.55
CA THR B 217 -4.33 9.00 -9.69
C THR B 217 -4.60 10.01 -8.58
N GLY B 218 -3.94 9.90 -7.43
CA GLY B 218 -4.31 10.63 -6.24
C GLY B 218 -4.16 12.14 -6.20
N1 LLP B 219 5.16 11.73 -6.05
C2 LLP B 219 4.98 13.02 -5.79
C2' LLP B 219 5.97 14.07 -6.34
C3 LLP B 219 3.90 13.43 -4.98
O3 LLP B 219 3.75 14.81 -4.73
C4 LLP B 219 3.01 12.49 -4.46
C4' LLP B 219 1.76 12.99 -3.56
C5 LLP B 219 3.19 11.16 -4.74
C6 LLP B 219 4.28 10.77 -5.53
C5' LLP B 219 2.24 10.01 -4.24
OP4 LLP B 219 1.94 10.18 -2.89
P LLP B 219 0.95 9.26 -2.15
OP1 LLP B 219 -0.42 9.12 -2.81
OP2 LLP B 219 1.59 7.94 -2.03
OP3 LLP B 219 0.76 9.93 -0.84
N LLP B 219 -3.38 12.70 -7.12
CA LLP B 219 -3.25 14.17 -7.15
CB LLP B 219 -1.80 14.60 -7.36
CG LLP B 219 -0.87 14.05 -6.26
CD LLP B 219 -1.11 14.80 -4.95
CE LLP B 219 -0.32 14.12 -3.79
NZ LLP B 219 1.11 14.11 -4.15
C LLP B 219 -4.12 14.71 -8.25
O LLP B 219 -4.18 15.97 -8.37
N THR B 220 -4.93 13.85 -8.86
CA THR B 220 -5.69 14.23 -10.07
C THR B 220 -7.18 13.94 -9.94
N TRP B 221 -7.54 12.71 -9.58
CA TRP B 221 -8.94 12.33 -9.50
C TRP B 221 -9.37 12.14 -8.05
N PRO B 222 -10.46 12.80 -7.61
CA PRO B 222 -10.77 12.84 -6.18
C PRO B 222 -11.50 11.57 -5.75
N THR B 223 -10.77 10.53 -5.34
CA THR B 223 -11.43 9.27 -5.00
C THR B 223 -11.17 8.89 -3.54
N GLN B 224 -10.99 9.90 -2.70
CA GLN B 224 -10.85 9.69 -1.25
C GLN B 224 -9.67 8.78 -0.95
N ASP B 225 -8.57 8.98 -1.66
CA ASP B 225 -7.33 8.25 -1.48
C ASP B 225 -7.50 6.75 -1.77
N LEU B 226 -8.55 6.41 -2.48
CA LEU B 226 -8.64 5.09 -3.11
C LEU B 226 -7.94 5.24 -4.48
N LYS B 227 -6.70 4.76 -4.58
CA LYS B 227 -5.80 5.22 -5.64
C LYS B 227 -5.26 4.03 -6.43
N ILE B 228 -4.71 4.33 -7.61
CA ILE B 228 -4.00 3.36 -8.44
C ILE B 228 -2.71 4.00 -8.91
N SER B 229 -1.59 3.28 -8.73
CA SER B 229 -0.31 3.72 -9.27
C SER B 229 0.24 2.67 -10.23
N LEU B 230 0.32 3.02 -11.51
CA LEU B 230 1.03 2.22 -12.49
C LEU B 230 2.53 2.41 -12.33
N MET B 231 3.26 1.29 -12.28
CA MET B 231 4.72 1.27 -12.24
C MET B 231 5.18 0.53 -13.49
N VAL B 232 5.78 1.26 -14.45
CA VAL B 232 6.12 0.71 -15.75
C VAL B 232 7.64 0.75 -15.93
N TYR B 233 8.20 -0.30 -16.55
CA TYR B 233 9.66 -0.43 -16.52
C TYR B 233 10.16 -1.19 -17.74
N SER B 234 11.45 -1.02 -18.00
CA SER B 234 12.03 -1.60 -19.21
C SER B 234 12.13 -3.12 -19.09
N GLU B 235 12.15 -3.76 -20.24
CA GLU B 235 12.22 -5.23 -20.30
C GLU B 235 13.38 -5.76 -19.48
N ALA B 236 14.54 -5.09 -19.55
CA ALA B 236 15.77 -5.65 -19.01
C ALA B 236 15.73 -5.78 -17.48
N ILE B 237 15.01 -4.89 -16.79
CA ILE B 237 14.93 -4.92 -15.34
C ILE B 237 13.62 -5.50 -14.85
N SER B 238 12.79 -5.91 -15.81
CA SER B 238 11.38 -6.30 -15.57
C SER B 238 11.27 -7.45 -14.59
N SER B 239 12.10 -8.48 -14.68
CA SER B 239 12.01 -9.63 -13.71
CA SER B 239 12.13 -9.63 -13.70
C SER B 239 12.28 -9.46 -12.17
N THR B 240 13.30 -8.62 -12.02
CA THR B 240 13.71 -8.14 -10.69
C THR B 240 12.67 -7.16 -10.15
N MET B 241 12.19 -6.23 -10.97
CA MET B 241 11.20 -5.29 -10.46
C MET B 241 9.94 -6.03 -10.02
N ARG B 242 9.54 -7.05 -10.79
CA ARG B 242 8.32 -7.77 -10.46
C ARG B 242 8.52 -8.58 -9.19
N LEU B 243 9.67 -9.23 -9.06
CA LEU B 243 10.06 -9.94 -7.84
C LEU B 243 9.91 -9.05 -6.62
N LEU B 244 10.44 -7.82 -6.69
CA LEU B 244 10.35 -6.91 -5.53
C LEU B 244 8.91 -6.49 -5.27
N TYR B 245 8.15 -6.21 -6.34
CA TYR B 245 6.72 -5.92 -6.18
C TYR B 245 6.01 -7.05 -5.44
N GLU B 246 6.27 -8.29 -5.85
CA GLU B 246 5.55 -9.44 -5.31
C GLU B 246 5.96 -9.76 -3.88
N GLU B 247 7.06 -9.20 -3.37
CA GLU B 247 7.36 -9.38 -1.95
C GLU B 247 6.31 -8.69 -1.08
N ILE B 248 5.64 -7.66 -1.60
CA ILE B 248 4.66 -6.89 -0.85
C ILE B 248 3.25 -7.14 -1.35
N PHE B 249 3.05 -7.26 -2.67
CA PHE B 249 1.71 -7.26 -3.25
C PHE B 249 1.47 -8.48 -4.14
N LEU B 250 0.27 -9.06 -4.00
CA LEU B 250 -0.24 -9.94 -5.05
C LEU B 250 -0.91 -9.13 -6.16
N CYS B 251 -1.74 -8.16 -5.81
CA CYS B 251 -2.38 -7.30 -6.80
C CYS B 251 -2.84 -6.07 -6.06
N SER B 252 -3.41 -5.12 -6.82
CA SER B 252 -4.29 -4.09 -6.29
C SER B 252 -5.75 -4.51 -6.44
N SER B 253 -6.66 -3.60 -6.06
CA SER B 253 -8.07 -3.96 -5.97
C SER B 253 -8.73 -3.84 -7.34
N ASN B 254 -9.38 -4.93 -7.77
CA ASN B 254 -10.15 -4.88 -9.01
C ASN B 254 -11.25 -3.84 -8.96
N PHE B 255 -11.81 -3.60 -7.76
CA PHE B 255 -12.84 -2.57 -7.61
C PHE B 255 -12.25 -1.18 -7.82
N ALA B 256 -11.09 -0.91 -7.23
CA ALA B 256 -10.45 0.39 -7.45
C ALA B 256 -10.03 0.53 -8.91
N LEU B 257 -9.53 -0.53 -9.53
CA LEU B 257 -9.14 -0.46 -10.94
C LEU B 257 -10.34 -0.11 -11.83
N ALA B 258 -11.46 -0.80 -11.65
CA ALA B 258 -12.66 -0.51 -12.44
C ALA B 258 -13.13 0.93 -12.21
N LEU B 259 -13.12 1.39 -10.96
CA LEU B 259 -13.59 2.73 -10.65
C LEU B 259 -12.72 3.80 -11.30
N LEU B 260 -11.39 3.70 -11.11
CA LEU B 260 -10.48 4.73 -11.63
C LEU B 260 -10.36 4.64 -13.15
N LYS B 261 -10.53 3.44 -13.71
CA LYS B 261 -10.60 3.35 -15.17
C LYS B 261 -11.73 4.22 -15.71
N GLN B 262 -12.85 4.29 -14.99
CA GLN B 262 -13.98 5.10 -15.47
C GLN B 262 -13.71 6.60 -15.28
N PHE B 263 -13.08 6.98 -14.17
CA PHE B 263 -12.64 8.37 -14.04
C PHE B 263 -11.71 8.75 -15.18
N VAL B 264 -10.75 7.89 -15.53
CA VAL B 264 -9.85 8.15 -16.66
C VAL B 264 -10.65 8.24 -17.96
N ALA B 265 -11.59 7.31 -18.15
CA ALA B 265 -12.40 7.30 -19.37
C ALA B 265 -13.22 8.59 -19.52
N VAL B 266 -13.81 9.06 -18.42
CA VAL B 266 -14.64 10.26 -18.48
C VAL B 266 -13.79 11.49 -18.78
N THR B 267 -12.57 11.53 -18.22
CA THR B 267 -11.61 12.58 -18.57
C THR B 267 -11.27 12.56 -20.05
N ALA B 268 -11.05 11.36 -20.60
CA ALA B 268 -10.83 11.25 -22.05
C ALA B 268 -12.04 11.72 -22.84
N LYS B 269 -13.26 11.46 -22.35
CA LYS B 269 -14.46 11.72 -23.14
C LYS B 269 -14.73 13.20 -23.28
N PHE B 270 -14.61 13.95 -22.19
CA PHE B 270 -14.92 15.37 -22.18
C PHE B 270 -13.68 16.25 -22.22
N GLY B 271 -12.50 15.68 -22.04
CA GLY B 271 -11.28 16.46 -22.13
C GLY B 271 -10.69 16.82 -20.78
N VAL B 272 -9.36 16.98 -20.76
CA VAL B 272 -8.66 17.35 -19.53
C VAL B 272 -9.13 18.72 -19.02
N ASP B 273 -9.36 19.67 -19.93
CA ASP B 273 -9.76 21.02 -19.49
C ASP B 273 -11.09 21.00 -18.76
N ALA B 274 -12.12 20.44 -19.42
CA ALA B 274 -13.45 20.37 -18.84
C ALA B 274 -13.46 19.66 -17.50
N THR B 275 -12.69 18.57 -17.37
CA THR B 275 -12.81 17.74 -16.19
C THR B 275 -11.77 18.05 -15.12
N ILE B 276 -10.64 18.65 -15.48
CA ILE B 276 -9.54 18.84 -14.53
C ILE B 276 -9.00 20.26 -14.55
N LYS B 277 -8.54 20.74 -15.71
CA LYS B 277 -7.70 21.94 -15.73
C LYS B 277 -8.49 23.22 -15.52
N ASN B 278 -9.76 23.28 -15.95
CA ASN B 278 -10.53 24.51 -15.78
C ASN B 278 -10.75 24.81 -14.30
N GLU B 279 -11.06 23.78 -13.50
CA GLU B 279 -11.23 23.98 -12.07
C GLU B 279 -9.92 24.42 -11.42
N VAL B 280 -8.81 23.84 -11.84
CA VAL B 280 -7.50 24.24 -11.34
C VAL B 280 -7.24 25.72 -11.65
N ARG B 281 -7.60 26.14 -12.85
CA ARG B 281 -7.38 27.55 -13.24
C ARG B 281 -8.25 28.45 -12.36
N ARG B 282 -9.49 28.10 -12.13
CA ARG B 282 -10.35 28.93 -11.30
C ARG B 282 -9.77 29.09 -9.90
N ARG B 283 -9.25 28.01 -9.31
CA ARG B 283 -8.74 28.07 -7.95
C ARG B 283 -7.43 28.82 -7.87
N SER B 284 -6.59 28.68 -8.90
CA SER B 284 -5.35 29.44 -8.95
C SER B 284 -5.62 30.94 -9.09
N GLU B 285 -6.60 31.29 -9.93
CA GLU B 285 -6.93 32.71 -10.06
C GLU B 285 -7.48 33.26 -8.75
N THR B 286 -8.20 32.43 -7.99
CA THR B 286 -8.73 32.89 -6.71
C THR B 286 -7.59 33.26 -5.77
N ILE B 287 -6.62 32.37 -5.57
CA ILE B 287 -5.60 32.67 -4.57
C ILE B 287 -4.70 33.79 -5.07
N ASN B 288 -4.36 33.81 -6.37
CA ASN B 288 -3.58 34.92 -6.92
C ASN B 288 -4.26 36.25 -6.63
N ASP B 289 -5.56 36.34 -6.90
CA ASP B 289 -6.30 37.57 -6.62
C ASP B 289 -6.30 37.90 -5.13
N ALA B 290 -6.45 36.87 -4.28
CA ALA B 290 -6.47 37.08 -2.83
C ALA B 290 -5.16 37.69 -2.35
N LEU B 291 -4.02 37.25 -2.91
CA LEU B 291 -2.71 37.67 -2.42
C LEU B 291 -2.14 38.87 -3.17
N ALA B 292 -2.83 39.39 -4.18
CA ALA B 292 -2.32 40.55 -4.91
C ALA B 292 -2.19 41.73 -3.96
N GLY B 293 -1.06 42.43 -4.04
CA GLY B 293 -0.85 43.58 -3.20
C GLY B 293 -0.70 43.28 -1.73
N THR B 294 -0.21 42.08 -1.38
CA THR B 294 0.03 41.74 0.01
C THR B 294 1.50 41.71 0.38
N GLY B 295 2.41 41.58 -0.59
CA GLY B 295 3.79 41.26 -0.33
C GLY B 295 4.11 39.81 -0.57
N LEU B 296 3.15 38.90 -0.34
CA LEU B 296 3.33 37.50 -0.71
C LEU B 296 3.35 37.38 -2.22
N LYS B 297 4.40 36.80 -2.76
CA LYS B 297 4.61 36.75 -4.21
C LYS B 297 4.45 35.31 -4.67
N VAL B 298 3.33 35.04 -5.35
CA VAL B 298 3.12 33.73 -5.94
C VAL B 298 4.23 33.44 -6.93
N PHE B 299 4.88 32.28 -6.77
CA PHE B 299 5.90 31.81 -7.72
C PHE B 299 5.27 31.62 -9.10
N ASP B 300 5.85 32.27 -10.12
CA ASP B 300 5.35 32.12 -11.49
C ASP B 300 6.49 32.39 -12.46
N ASN B 301 6.37 31.77 -13.62
CA ASN B 301 7.35 31.96 -14.71
C ASN B 301 6.72 31.52 -16.03
N ASP B 302 7.36 31.86 -17.11
CA ASP B 302 6.81 31.55 -18.45
C ASP B 302 6.75 30.04 -18.75
N GLU B 303 7.72 29.26 -18.28
CA GLU B 303 7.80 27.86 -18.71
C GLU B 303 7.09 26.85 -17.79
N LYS B 304 6.63 27.24 -16.61
CA LYS B 304 6.03 26.26 -15.69
C LYS B 304 4.61 25.88 -16.09
N CYS B 305 4.16 24.69 -15.69
CA CYS B 305 2.77 24.33 -15.83
C CYS B 305 2.03 24.68 -14.54
N GLN B 306 0.71 24.55 -14.57
CA GLN B 306 -0.14 24.94 -13.45
C GLN B 306 -0.48 23.68 -12.66
N LEU B 307 0.30 23.46 -11.59
CA LEU B 307 0.01 22.40 -10.65
C LEU B 307 -1.24 22.73 -9.84
N PRO B 308 -1.89 21.71 -9.24
CA PRO B 308 -2.95 21.96 -8.25
C PRO B 308 -2.39 22.48 -6.93
N LEU B 309 -1.38 23.37 -7.01
CA LEU B 309 -0.63 23.84 -5.86
C LEU B 309 -0.20 25.28 -6.15
N CYS B 310 -0.03 26.06 -5.09
CA CYS B 310 0.42 27.43 -5.24
C CYS B 310 1.65 27.58 -4.34
N TRP B 311 2.76 28.00 -4.94
CA TRP B 311 4.07 28.12 -4.28
C TRP B 311 4.31 29.61 -4.06
N ILE B 312 4.49 30.03 -2.80
CA ILE B 312 4.38 31.44 -2.45
C ILE B 312 5.64 31.91 -1.74
N ASP B 313 6.27 32.96 -2.28
CA ASP B 313 7.43 33.61 -1.67
C ASP B 313 6.94 34.60 -0.62
N ILE B 314 7.20 34.31 0.64
CA ILE B 314 6.78 35.16 1.75
C ILE B 314 7.92 36.05 2.25
N SER B 315 8.97 36.24 1.43
CA SER B 315 10.13 37.04 1.85
C SER B 315 9.72 38.39 2.39
N ALA B 316 8.79 39.05 1.73
CA ALA B 316 8.43 40.42 2.10
C ALA B 316 7.82 40.52 3.49
N THR B 317 7.33 39.40 4.03
CA THR B 317 6.73 39.43 5.36
C THR B 317 7.76 39.61 6.47
N GLY B 318 9.03 39.31 6.22
CA GLY B 318 10.00 39.22 7.29
C GLY B 318 9.98 37.91 8.05
N TYR B 319 9.01 37.03 7.78
CA TYR B 319 8.89 35.75 8.44
C TYR B 319 9.58 34.66 7.61
N ASP B 320 10.12 33.65 8.30
CA ASP B 320 10.47 32.43 7.61
C ASP B 320 9.23 31.55 7.47
N ASP B 321 9.36 30.49 6.68
CA ASP B 321 8.20 29.67 6.34
C ASP B 321 7.56 29.04 7.58
N VAL B 322 8.37 28.50 8.50
CA VAL B 322 7.82 27.82 9.66
C VAL B 322 7.15 28.81 10.62
N SER B 323 7.75 30.00 10.83
CA SER B 323 7.10 30.98 11.70
C SER B 323 5.82 31.54 11.07
N PHE B 324 5.83 31.80 9.76
CA PHE B 324 4.62 32.27 9.10
C PHE B 324 3.52 31.20 9.13
N ALA B 325 3.89 29.94 8.91
CA ALA B 325 2.89 28.87 9.01
C ALA B 325 2.32 28.76 10.41
N ALA B 326 3.15 28.93 11.43
CA ALA B 326 2.64 28.83 12.79
C ALA B 326 1.68 29.98 13.12
N ARG B 327 1.95 31.17 12.58
CA ARG B 327 1.04 32.29 12.76
C ARG B 327 -0.30 32.02 12.10
N LEU B 328 -0.29 31.42 10.91
CA LEU B 328 -1.53 31.13 10.19
C LEU B 328 -2.37 30.08 10.91
N LYS B 329 -1.68 29.17 11.58
CA LYS B 329 -2.30 28.06 12.33
C LYS B 329 -3.20 28.64 13.42
N GLU B 330 -2.84 29.79 13.98
CA GLU B 330 -3.63 30.49 15.04
C GLU B 330 -5.01 30.96 14.54
N HIS B 331 -5.06 31.26 13.26
CA HIS B 331 -6.18 31.66 12.42
C HIS B 331 -6.81 30.41 11.80
N ASP B 332 -6.38 29.21 12.24
CA ASP B 332 -7.00 27.95 11.85
C ASP B 332 -6.73 27.58 10.38
N ILE B 333 -5.61 28.03 9.84
CA ILE B 333 -5.24 27.75 8.45
C ILE B 333 -3.95 26.96 8.47
N ALA B 334 -3.92 25.83 7.76
CA ALA B 334 -2.74 24.98 7.71
C ALA B 334 -2.11 25.05 6.32
N VAL B 335 -0.83 25.42 6.27
CA VAL B 335 -0.07 25.43 5.03
C VAL B 335 1.23 24.66 5.25
N LEU B 336 1.92 24.38 4.18
CA LEU B 336 3.17 23.65 4.29
C LEU B 336 4.35 24.62 4.28
N PRO B 337 5.25 24.57 5.25
CA PRO B 337 6.50 25.34 5.11
C PRO B 337 7.32 24.72 3.98
N GLY B 338 7.94 25.58 3.17
CA GLY B 338 8.57 25.10 1.95
C GLY B 338 9.96 24.50 2.11
N ARG B 339 10.64 24.72 3.23
CA ARG B 339 12.06 24.37 3.27
C ARG B 339 12.30 22.87 3.07
N PHE B 340 11.37 22.03 3.49
CA PHE B 340 11.54 20.57 3.40
C PHE B 340 11.63 20.07 1.96
N PHE B 341 11.07 20.81 1.00
CA PHE B 341 11.18 20.42 -0.40
C PHE B 341 12.62 20.56 -0.90
N TYR B 342 13.41 21.47 -0.31
CA TYR B 342 14.82 21.60 -0.65
C TYR B 342 15.62 20.70 0.29
N TRP B 343 15.43 19.39 0.06
CA TRP B 343 15.75 18.39 1.06
C TRP B 343 17.24 18.29 1.35
N ASN B 344 18.09 18.82 0.48
CA ASN B 344 19.53 18.84 0.69
C ASN B 344 20.04 20.17 1.21
N SER B 345 19.18 21.17 1.33
CA SER B 345 19.64 22.54 1.55
C SER B 345 18.56 23.34 2.25
N LYS B 346 17.95 22.77 3.29
CA LYS B 346 16.72 23.32 3.82
C LYS B 346 16.93 24.74 4.34
N SER B 347 18.00 24.96 5.11
CA SER B 347 18.20 26.24 5.75
C SER B 347 18.42 27.37 4.76
N GLN B 348 18.80 27.06 3.53
CA GLN B 348 18.97 28.07 2.50
C GLN B 348 17.69 28.38 1.74
N HIS B 349 16.57 27.77 2.13
CA HIS B 349 15.32 27.93 1.39
C HIS B 349 14.13 28.06 2.36
N THR B 350 14.15 29.09 3.21
CA THR B 350 13.13 29.20 4.25
C THR B 350 12.06 30.25 3.92
N GLN B 351 11.99 30.73 2.69
CA GLN B 351 11.16 31.88 2.35
C GLN B 351 9.87 31.53 1.59
N PHE B 352 9.54 30.25 1.44
CA PHE B 352 8.36 29.86 0.66
C PHE B 352 7.37 29.07 1.50
N ILE B 353 6.08 29.22 1.20
CA ILE B 353 5.06 28.30 1.70
C ILE B 353 4.32 27.69 0.50
N ARG B 354 3.69 26.54 0.74
CA ARG B 354 2.88 25.89 -0.29
C ARG B 354 1.43 25.78 0.17
N VAL B 355 0.52 26.12 -0.73
CA VAL B 355 -0.92 26.09 -0.48
C VAL B 355 -1.53 25.18 -1.56
N SER B 356 -2.08 24.05 -1.14
CA SER B 356 -2.71 23.13 -2.07
C SER B 356 -4.11 23.61 -2.46
N LEU B 357 -4.53 23.28 -3.68
CA LEU B 357 -5.75 23.87 -4.23
C LEU B 357 -6.94 22.92 -4.27
N MET B 358 -6.73 21.60 -4.33
CA MET B 358 -7.84 20.68 -4.62
C MET B 358 -8.49 20.14 -3.34
N LYS B 359 -9.02 21.06 -2.56
CA LYS B 359 -9.69 20.76 -1.31
C LYS B 359 -11.19 20.86 -1.50
N PRO B 360 -11.99 20.29 -0.58
CA PRO B 360 -13.45 20.38 -0.71
C PRO B 360 -13.87 21.81 -0.99
N ASP B 361 -14.81 21.97 -1.93
CA ASP B 361 -15.02 23.23 -2.61
C ASP B 361 -15.35 24.37 -1.64
N ALA B 362 -16.33 24.14 -0.76
CA ALA B 362 -16.73 25.19 0.19
C ALA B 362 -15.57 25.56 1.13
N GLU B 363 -14.91 24.55 1.70
CA GLU B 363 -13.75 24.83 2.55
C GLU B 363 -12.71 25.63 1.80
N PHE B 364 -12.53 25.34 0.50
CA PHE B 364 -11.47 26.02 -0.23
C PHE B 364 -11.77 27.50 -0.39
N TYR B 365 -12.92 27.83 -0.98
CA TYR B 365 -13.21 29.23 -1.28
C TYR B 365 -13.37 30.04 0.01
N GLU B 366 -14.09 29.50 1.00
CA GLU B 366 -14.13 30.16 2.30
C GLU B 366 -12.73 30.29 2.90
N GLY B 367 -11.93 29.22 2.84
CA GLY B 367 -10.60 29.27 3.43
C GLY B 367 -9.66 30.25 2.76
N ILE B 368 -9.82 30.46 1.44
CA ILE B 368 -8.96 31.45 0.81
C ILE B 368 -9.36 32.86 1.22
N GLY B 369 -10.66 33.09 1.40
CA GLY B 369 -11.10 34.35 1.98
C GLY B 369 -10.50 34.59 3.36
N LYS B 370 -10.52 33.56 4.21
CA LYS B 370 -9.94 33.70 5.54
C LYS B 370 -8.42 33.86 5.49
N LEU B 371 -7.79 33.28 4.49
CA LEU B 371 -6.32 33.40 4.34
C LEU B 371 -5.96 34.85 4.02
N LYS B 372 -6.72 35.46 3.13
CA LYS B 372 -6.50 36.88 2.75
C LYS B 372 -6.74 37.74 3.99
N GLU B 373 -7.73 37.39 4.80
CA GLU B 373 -8.00 38.18 6.02
C GLU B 373 -6.87 37.99 7.03
N ALA B 374 -6.40 36.76 7.21
CA ALA B 374 -5.31 36.48 8.16
C ALA B 374 -4.02 37.15 7.73
N VAL B 375 -3.69 37.12 6.45
CA VAL B 375 -2.44 37.75 5.98
C VAL B 375 -2.51 39.26 6.24
N THR B 376 -3.62 39.89 5.86
CA THR B 376 -3.83 41.33 6.08
C THR B 376 -3.59 41.63 7.56
N ARG B 377 -4.31 40.95 8.43
CA ARG B 377 -4.22 41.17 9.89
C ARG B 377 -2.83 40.87 10.44
N ILE B 378 -2.15 39.83 9.93
CA ILE B 378 -0.79 39.51 10.44
C ILE B 378 0.17 40.61 10.03
N LEU B 379 0.05 41.08 8.80
CA LEU B 379 0.91 42.15 8.23
C LEU B 379 0.58 43.54 8.80
N GLU B 380 -0.60 43.68 9.42
CA GLU B 380 -0.99 44.91 10.14
C GLU B 380 -0.49 44.76 11.58
N LYS B 381 0.84 44.84 11.75
CA LYS B 381 1.50 44.72 13.08
C LYS B 381 2.96 45.11 12.92
C1 BTB C . -5.30 9.13 13.83
O1 BTB C . -6.40 8.62 14.45
C2 BTB C . -3.97 8.95 14.55
C3 BTB C . -3.08 7.91 13.91
O3 BTB C . -3.81 7.08 13.12
C4 BTB C . -4.25 8.50 15.95
O4 BTB C . -4.87 9.57 16.55
N BTB C . -3.23 10.22 14.59
C5 BTB C . -4.11 11.38 14.52
C6 BTB C . -4.01 12.17 13.23
O6 BTB C . -4.41 13.47 13.46
C7 BTB C . -2.15 10.35 13.66
C8 BTB C . -0.94 10.85 14.41
O8 BTB C . -0.77 10.05 15.52
C ACT D . -26.06 9.15 0.73
O ACT D . -26.21 8.24 -0.09
OXT ACT D . -26.06 8.99 1.95
CH3 ACT D . -25.90 10.57 0.18
C ACT E . -14.79 17.20 6.01
O ACT E . -14.34 17.41 7.15
OXT ACT E . -15.77 16.49 5.79
CH3 ACT E . -14.11 17.84 4.83
C ACT F . 17.14 -19.48 4.49
O ACT F . 18.00 -20.34 4.29
OXT ACT F . 16.75 -19.15 5.61
CH3 ACT F . 16.54 -18.79 3.30
C1 EDO G . -15.51 13.24 -2.40
O1 EDO G . -16.07 14.53 -2.15
C2 EDO G . -14.39 13.39 -3.43
O2 EDO G . -13.37 14.26 -2.90
C1 EDO H . -5.51 1.92 -2.24
O1 EDO H . -5.19 3.20 -2.79
C2 EDO H . -6.48 1.13 -3.12
O2 EDO H . -6.27 1.27 -4.52
C1 EDO I . 18.41 23.25 -5.65
O1 EDO I . 17.44 23.34 -6.70
C2 EDO I . 19.76 22.79 -6.20
O2 EDO I . 19.90 21.36 -6.08
C1 BTB J . 1.54 -8.72 -16.47
O1 BTB J . 1.29 -7.42 -16.94
C2 BTB J . 0.76 -8.97 -15.18
C3 BTB J . -0.74 -8.85 -15.49
O3 BTB J . -1.09 -7.56 -15.93
C4 BTB J . 1.18 -7.96 -14.09
O4 BTB J . 0.67 -6.68 -14.34
N BTB J . 1.04 -10.34 -14.67
C5 BTB J . 0.08 -11.28 -15.25
C6 BTB J . -0.30 -12.38 -14.26
O6 BTB J . -1.37 -13.14 -14.75
C7 BTB J . 2.38 -10.81 -15.03
C8 BTB J . 3.44 -10.49 -13.99
O8 BTB J . 4.23 -9.44 -14.48
#